data_2PFY
#
_entry.id   2PFY
#
_cell.length_a   64.840
_cell.length_b   149.750
_cell.length_c   169.580
_cell.angle_alpha   90.000
_cell.angle_beta   90.000
_cell.angle_gamma   90.000
#
_symmetry.space_group_name_H-M   'P 21 21 21'
#
loop_
_entity.id
_entity.type
_entity.pdbx_description
1 polymer 'Putative exported protein'
2 non-polymer 'PYROGLUTAMIC ACID'
3 water water
#
_entity_poly.entity_id   1
_entity_poly.type   'polypeptide(L)'
_entity_poly.pdbx_seq_one_letter_code
;ATSWT(MSE)TAEQPDANYLTQNARQFADEVKAATAGALEIKVQSNSTLLKRPEVKRGVQQGVVQIGEVLVSALGNEDPL
FEIDSVPFLASSFNESEKLWKATRPLLAQRLDKQGIVLVYGSPWPPQGIYTKKPVAALADLKGTRFRAYSASTSH(MSE)
AAL(MSE)GAVPTTVQTPEVPQAFSTGVIDA(MSE)LTSPATGVDSQAWDYVKYYYDAQAFIPQSFVIANKRAFQRLPAE
VRQAVLDAGAKAEIRGWQTARAKTRELTDTLARNG(MSE)SVEPLPPQLAKELQAIGAT(MSE)VSDWSKKAGADGQQLL
DAYRK
;
_entity_poly.pdbx_strand_id   A,B,C,D
#
# COMPACT_ATOMS: atom_id res chain seq x y z
N ALA A 1 -40.01 -27.22 -2.35
CA ALA A 1 -38.95 -26.25 -2.76
C ALA A 1 -39.39 -25.46 -3.99
N THR A 2 -38.91 -24.24 -4.10
CA THR A 2 -39.33 -23.33 -5.14
C THR A 2 -38.05 -22.76 -5.73
N SER A 3 -37.97 -22.73 -7.08
CA SER A 3 -36.90 -22.05 -7.82
C SER A 3 -37.45 -20.81 -8.50
N TRP A 4 -36.75 -19.69 -8.35
CA TRP A 4 -37.09 -18.41 -8.96
C TRP A 4 -35.94 -18.05 -9.89
N THR A 5 -36.23 -17.36 -10.98
CA THR A 5 -35.17 -16.75 -11.77
C THR A 5 -35.25 -15.25 -11.59
N THR A 7 -33.64 -11.43 -12.80
CA THR A 7 -32.83 -10.63 -13.73
C THR A 7 -32.14 -9.53 -12.93
N ALA A 8 -30.88 -9.26 -13.24
CA ALA A 8 -30.16 -8.10 -12.72
C ALA A 8 -29.58 -7.35 -13.90
N GLU A 9 -29.59 -6.03 -13.77
CA GLU A 9 -29.28 -5.12 -14.88
C GLU A 9 -27.77 -5.09 -15.29
N GLN A 10 -26.91 -5.08 -14.30
CA GLN A 10 -25.50 -4.77 -14.47
C GLN A 10 -24.63 -6.02 -14.43
N PRO A 11 -23.40 -5.94 -14.96
CA PRO A 11 -22.50 -7.07 -14.93
C PRO A 11 -22.05 -7.45 -13.51
N ASP A 12 -21.47 -8.63 -13.37
CA ASP A 12 -21.00 -9.16 -12.10
C ASP A 12 -19.91 -8.24 -11.46
N ALA A 13 -19.23 -7.42 -12.28
CA ALA A 13 -18.37 -6.30 -11.76
C ALA A 13 -19.09 -5.38 -10.75
N ASN A 14 -20.38 -5.17 -10.97
CA ASN A 14 -21.12 -4.09 -10.37
C ASN A 14 -21.57 -4.41 -8.97
N TYR A 15 -21.50 -3.46 -8.05
CA TYR A 15 -21.80 -3.79 -6.64
C TYR A 15 -23.30 -4.01 -6.38
N LEU A 16 -24.16 -3.43 -7.20
CA LEU A 16 -25.61 -3.64 -7.05
C LEU A 16 -25.95 -5.06 -7.42
N THR A 17 -25.31 -5.55 -8.49
CA THR A 17 -25.42 -6.94 -8.88
C THR A 17 -24.89 -7.89 -7.79
N GLN A 18 -23.73 -7.56 -7.21
CA GLN A 18 -23.19 -8.38 -6.12
C GLN A 18 -24.10 -8.33 -4.91
N ASN A 19 -24.71 -7.19 -4.67
CA ASN A 19 -25.64 -7.09 -3.54
C ASN A 19 -26.91 -7.99 -3.76
N ALA A 20 -27.40 -8.02 -5.00
CA ALA A 20 -28.50 -8.89 -5.37
C ALA A 20 -28.13 -10.40 -5.27
N ARG A 21 -26.92 -10.74 -5.70
CA ARG A 21 -26.38 -12.11 -5.54
C ARG A 21 -26.32 -12.52 -4.05
N GLN A 22 -25.86 -11.60 -3.21
CA GLN A 22 -25.77 -11.94 -1.79
C GLN A 22 -27.18 -12.10 -1.20
N PHE A 23 -28.08 -11.22 -1.65
CA PHE A 23 -29.51 -11.31 -1.28
C PHE A 23 -30.10 -12.67 -1.68
N ALA A 24 -29.84 -13.14 -2.92
CA ALA A 24 -30.31 -14.46 -3.35
C ALA A 24 -29.73 -15.59 -2.46
N ASP A 25 -28.43 -15.48 -2.16
CA ASP A 25 -27.75 -16.42 -1.26
C ASP A 25 -28.34 -16.42 0.14
N GLU A 26 -28.64 -15.23 0.66
CA GLU A 26 -29.19 -15.09 2.01
C GLU A 26 -30.63 -15.63 2.10
N VAL A 27 -31.41 -15.48 1.03
CA VAL A 27 -32.75 -16.06 0.96
C VAL A 27 -32.66 -17.59 1.02
N LYS A 28 -31.71 -18.15 0.31
CA LYS A 28 -31.59 -19.60 0.24
C LYS A 28 -31.20 -20.19 1.61
N ALA A 29 -30.27 -19.52 2.28
CA ALA A 29 -29.81 -19.96 3.60
C ALA A 29 -30.90 -19.77 4.65
N ALA A 30 -31.56 -18.62 4.61
CA ALA A 30 -32.58 -18.28 5.57
C ALA A 30 -33.83 -19.17 5.47
N THR A 31 -34.14 -19.66 4.26
CA THR A 31 -35.22 -20.61 4.06
C THR A 31 -34.76 -22.08 4.06
N ALA A 32 -33.51 -22.33 4.40
CA ALA A 32 -32.99 -23.69 4.43
C ALA A 32 -33.18 -24.39 3.09
N GLY A 33 -33.05 -23.64 2.00
CA GLY A 33 -33.19 -24.25 0.70
C GLY A 33 -34.58 -24.26 0.07
N ALA A 34 -35.60 -23.85 0.81
CA ALA A 34 -36.97 -23.87 0.30
C ALA A 34 -37.20 -22.86 -0.85
N LEU A 35 -36.43 -21.76 -0.88
CA LEU A 35 -36.50 -20.87 -2.04
C LEU A 35 -35.08 -20.61 -2.56
N GLU A 36 -34.88 -20.95 -3.84
CA GLU A 36 -33.59 -20.69 -4.49
C GLU A 36 -33.80 -19.69 -5.62
N ILE A 37 -33.05 -18.60 -5.59
CA ILE A 37 -33.16 -17.58 -6.61
C ILE A 37 -31.85 -17.63 -7.42
N LYS A 38 -31.97 -17.84 -8.71
CA LYS A 38 -30.81 -17.86 -9.60
C LYS A 38 -30.78 -16.54 -10.38
N VAL A 39 -29.66 -15.83 -10.28
CA VAL A 39 -29.52 -14.49 -10.83
C VAL A 39 -28.83 -14.58 -12.20
N GLN A 40 -29.46 -13.98 -13.20
CA GLN A 40 -28.86 -13.80 -14.50
C GLN A 40 -28.62 -12.32 -14.69
N SER A 41 -27.36 -11.93 -14.67
CA SER A 41 -27.05 -10.53 -14.61
C SER A 41 -26.71 -9.96 -15.99
N ASN A 42 -26.22 -8.72 -15.99
CA ASN A 42 -25.83 -8.00 -17.20
C ASN A 42 -26.95 -7.88 -18.25
N SER A 43 -28.21 -7.82 -17.78
CA SER A 43 -29.35 -7.59 -18.66
C SER A 43 -29.43 -8.63 -19.82
N THR A 44 -28.88 -9.81 -19.61
CA THR A 44 -28.93 -10.82 -20.68
C THR A 44 -30.32 -11.44 -20.84
N LEU A 45 -31.14 -11.40 -19.79
CA LEU A 45 -32.47 -11.98 -19.82
C LEU A 45 -33.48 -10.90 -20.22
N LEU A 46 -33.49 -9.81 -19.51
CA LEU A 46 -34.35 -8.65 -19.79
C LEU A 46 -33.50 -7.38 -19.73
N LYS A 47 -33.73 -6.47 -20.68
CA LYS A 47 -33.07 -5.16 -20.66
C LYS A 47 -33.86 -4.23 -19.74
N ARG A 48 -33.21 -3.16 -19.31
CA ARG A 48 -33.81 -2.22 -18.37
C ARG A 48 -35.28 -1.86 -18.65
N PRO A 49 -35.61 -1.42 -19.90
CA PRO A 49 -37.00 -1.07 -20.20
C PRO A 49 -37.97 -2.26 -20.17
N GLU A 50 -37.44 -3.49 -20.17
CA GLU A 50 -38.28 -4.74 -20.19
C GLU A 50 -38.51 -5.36 -18.82
N VAL A 51 -37.73 -4.96 -17.82
CA VAL A 51 -37.78 -5.61 -16.52
C VAL A 51 -39.17 -5.60 -15.89
N LYS A 52 -39.81 -4.43 -15.78
CA LYS A 52 -41.08 -4.37 -15.02
C LYS A 52 -42.11 -5.29 -15.63
N ARG A 53 -42.25 -5.21 -16.95
CA ARG A 53 -43.22 -6.02 -17.67
C ARG A 53 -42.85 -7.49 -17.58
N GLY A 54 -41.55 -7.83 -17.65
CA GLY A 54 -41.13 -9.22 -17.50
C GLY A 54 -41.46 -9.79 -16.12
N VAL A 55 -41.32 -8.95 -15.09
CA VAL A 55 -41.70 -9.39 -13.74
C VAL A 55 -43.23 -9.56 -13.66
N GLN A 56 -43.99 -8.58 -14.14
CA GLN A 56 -45.48 -8.68 -14.17
C GLN A 56 -46.00 -9.92 -14.89
N GLN A 57 -45.38 -10.21 -16.05
CA GLN A 57 -45.78 -11.35 -16.89
C GLN A 57 -45.19 -12.71 -16.53
N GLY A 58 -44.29 -12.76 -15.53
CA GLY A 58 -43.70 -14.02 -15.11
C GLY A 58 -42.59 -14.55 -16.02
N VAL A 59 -41.96 -13.68 -16.79
CA VAL A 59 -40.74 -14.09 -17.49
C VAL A 59 -39.75 -14.46 -16.39
N VAL A 60 -39.73 -13.60 -15.36
CA VAL A 60 -38.98 -13.85 -14.16
C VAL A 60 -39.94 -13.63 -13.01
N GLN A 61 -39.60 -14.19 -11.85
CA GLN A 61 -40.36 -13.95 -10.63
C GLN A 61 -39.91 -12.72 -9.88
N ILE A 62 -38.69 -12.25 -10.20
CA ILE A 62 -38.12 -11.16 -9.45
C ILE A 62 -37.03 -10.51 -10.31
N GLY A 63 -36.81 -9.22 -10.13
CA GLY A 63 -35.78 -8.59 -10.95
C GLY A 63 -35.29 -7.29 -10.35
N GLU A 64 -34.06 -6.94 -10.72
CA GLU A 64 -33.47 -5.69 -10.35
C GLU A 64 -33.50 -4.72 -11.53
N VAL A 65 -33.84 -3.45 -11.24
CA VAL A 65 -33.91 -2.41 -12.29
C VAL A 65 -33.77 -1.02 -11.66
N LEU A 66 -33.26 -0.09 -12.48
CA LEU A 66 -33.21 1.31 -12.15
C LEU A 66 -34.64 1.77 -11.89
N VAL A 67 -34.87 2.38 -10.73
CA VAL A 67 -36.21 2.86 -10.32
C VAL A 67 -36.79 3.81 -11.38
N SER A 68 -35.97 4.79 -11.79
CA SER A 68 -36.39 5.79 -12.76
C SER A 68 -36.64 5.23 -14.17
N ALA A 69 -36.38 3.94 -14.41
CA ALA A 69 -36.83 3.29 -15.65
C ALA A 69 -38.37 3.25 -15.75
N LEU A 70 -39.06 3.40 -14.61
CA LEU A 70 -40.53 3.47 -14.58
C LEU A 70 -41.10 4.89 -14.67
N GLY A 71 -40.20 5.88 -14.83
CA GLY A 71 -40.55 7.31 -14.77
C GLY A 71 -41.52 7.81 -15.82
N ASN A 72 -41.35 7.36 -17.07
CA ASN A 72 -42.29 7.76 -18.13
C ASN A 72 -43.72 7.38 -17.77
N GLU A 73 -43.90 6.17 -17.24
CA GLU A 73 -45.20 5.66 -16.85
C GLU A 73 -45.78 6.28 -15.56
N ASP A 74 -44.92 6.61 -14.60
CA ASP A 74 -45.39 7.17 -13.35
C ASP A 74 -44.30 8.04 -12.75
N PRO A 75 -44.56 9.37 -12.65
CA PRO A 75 -43.53 10.37 -12.30
C PRO A 75 -42.88 10.19 -10.94
N LEU A 76 -43.56 9.58 -9.99
CA LEU A 76 -42.99 9.38 -8.67
C LEU A 76 -41.72 8.52 -8.75
N PHE A 77 -41.57 7.77 -9.84
CA PHE A 77 -40.43 6.82 -9.99
C PHE A 77 -39.13 7.51 -10.49
N GLU A 78 -39.23 8.79 -10.83
CA GLU A 78 -38.02 9.53 -11.27
C GLU A 78 -37.67 10.77 -10.44
N ILE A 79 -38.25 10.90 -9.26
CA ILE A 79 -37.85 12.01 -8.39
C ILE A 79 -36.37 11.94 -7.99
N ASP A 80 -35.82 10.73 -7.99
CA ASP A 80 -34.41 10.52 -7.64
C ASP A 80 -33.44 11.00 -8.72
N SER A 81 -33.99 11.47 -9.85
CA SER A 81 -33.17 11.94 -10.96
C SER A 81 -33.27 13.45 -11.24
N VAL A 82 -33.95 14.19 -10.37
CA VAL A 82 -34.02 15.65 -10.50
C VAL A 82 -32.68 16.27 -10.06
N PRO A 83 -31.97 16.95 -10.99
CA PRO A 83 -30.65 17.48 -10.62
C PRO A 83 -30.64 18.38 -9.41
N PHE A 84 -29.72 18.10 -8.51
CA PHE A 84 -29.45 18.91 -7.32
C PHE A 84 -30.57 19.00 -6.26
N LEU A 85 -31.64 18.23 -6.44
CA LEU A 85 -32.65 18.12 -5.41
C LEU A 85 -32.13 17.37 -4.18
N ALA A 86 -31.37 16.29 -4.42
CA ALA A 86 -30.84 15.48 -3.32
C ALA A 86 -29.50 14.88 -3.74
N SER A 87 -28.44 15.68 -3.66
CA SER A 87 -27.20 15.33 -4.32
C SER A 87 -26.16 14.71 -3.41
N SER A 88 -26.40 14.79 -2.10
CA SER A 88 -25.60 14.06 -1.11
C SER A 88 -26.30 12.75 -0.73
N PHE A 89 -25.56 11.76 -0.26
CA PHE A 89 -26.22 10.53 0.21
C PHE A 89 -27.26 10.76 1.29
N ASN A 90 -26.95 11.68 2.23
CA ASN A 90 -27.88 11.95 3.37
C ASN A 90 -29.20 12.52 2.86
N GLU A 91 -29.14 13.46 1.94
CA GLU A 91 -30.36 13.96 1.28
C GLU A 91 -31.06 12.84 0.50
N SER A 92 -30.28 12.06 -0.27
CA SER A 92 -30.84 10.95 -1.08
C SER A 92 -31.64 9.99 -0.20
N GLU A 93 -31.06 9.67 0.95
CA GLU A 93 -31.62 8.73 1.91
C GLU A 93 -32.96 9.22 2.47
N LYS A 94 -33.04 10.51 2.76
CA LYS A 94 -34.24 11.16 3.24
C LYS A 94 -35.27 11.16 2.14
N LEU A 95 -34.84 11.51 0.92
CA LEU A 95 -35.72 11.45 -0.23
C LEU A 95 -36.28 10.03 -0.44
N TRP A 96 -35.42 9.01 -0.29
CA TRP A 96 -35.79 7.61 -0.49
C TRP A 96 -36.85 7.18 0.54
N LYS A 97 -36.62 7.55 1.79
CA LYS A 97 -37.54 7.25 2.88
C LYS A 97 -38.96 7.82 2.59
N ALA A 98 -39.03 9.03 2.01
CA ALA A 98 -40.29 9.65 1.53
C ALA A 98 -40.85 9.04 0.26
N THR A 99 -39.97 8.52 -0.61
CA THR A 99 -40.38 7.99 -1.92
C THR A 99 -40.89 6.55 -1.83
N ARG A 100 -40.15 5.74 -1.07
CA ARG A 100 -40.37 4.29 -0.99
C ARG A 100 -41.83 3.85 -0.77
N PRO A 101 -42.52 4.36 0.30
CA PRO A 101 -43.87 3.81 0.51
C PRO A 101 -44.83 4.11 -0.63
N LEU A 102 -44.69 5.29 -1.25
CA LEU A 102 -45.46 5.63 -2.44
C LEU A 102 -45.22 4.70 -3.62
N LEU A 103 -43.94 4.37 -3.85
CA LEU A 103 -43.60 3.41 -4.91
C LEU A 103 -44.16 2.01 -4.62
N ALA A 104 -44.14 1.61 -3.36
CA ALA A 104 -44.56 0.28 -2.96
C ALA A 104 -46.07 0.15 -3.20
N GLN A 105 -46.77 1.25 -2.95
CA GLN A 105 -48.20 1.30 -3.18
C GLN A 105 -48.53 1.31 -4.65
N ARG A 106 -47.82 2.14 -5.43
CA ARG A 106 -48.02 2.18 -6.89
C ARG A 106 -47.70 0.84 -7.54
N LEU A 107 -46.67 0.16 -7.04
CA LEU A 107 -46.32 -1.17 -7.58
C LEU A 107 -47.33 -2.25 -7.20
N ASP A 108 -47.81 -2.22 -5.96
CA ASP A 108 -48.78 -3.22 -5.49
C ASP A 108 -50.03 -3.22 -6.39
N LYS A 109 -50.50 -2.03 -6.78
CA LYS A 109 -51.65 -1.89 -7.69
C LYS A 109 -51.37 -2.52 -9.05
N GLN A 110 -50.10 -2.76 -9.35
CA GLN A 110 -49.72 -3.36 -10.62
C GLN A 110 -49.37 -4.84 -10.51
N GLY A 111 -49.61 -5.46 -9.36
CA GLY A 111 -49.25 -6.86 -9.18
C GLY A 111 -47.75 -7.08 -8.95
N ILE A 112 -47.10 -6.06 -8.37
CA ILE A 112 -45.65 -6.11 -8.06
C ILE A 112 -45.33 -5.79 -6.59
N VAL A 113 -44.40 -6.53 -5.99
CA VAL A 113 -43.94 -6.29 -4.63
C VAL A 113 -42.54 -5.65 -4.66
N LEU A 114 -42.41 -4.51 -4.00
CA LEU A 114 -41.12 -3.86 -3.78
C LEU A 114 -40.41 -4.59 -2.67
N VAL A 115 -39.31 -5.26 -3.01
CA VAL A 115 -38.57 -6.04 -2.04
C VAL A 115 -37.52 -5.14 -1.36
N TYR A 116 -36.59 -4.55 -2.12
CA TYR A 116 -35.63 -3.62 -1.50
C TYR A 116 -35.08 -2.66 -2.54
N GLY A 117 -34.47 -1.55 -2.07
CA GLY A 117 -33.77 -0.57 -2.88
C GLY A 117 -32.29 -0.46 -2.51
N SER A 118 -31.49 0.06 -3.44
CA SER A 118 -30.11 0.45 -3.12
C SER A 118 -29.73 1.53 -4.09
N PRO A 119 -28.85 2.45 -3.65
CA PRO A 119 -28.51 3.57 -4.51
C PRO A 119 -27.27 3.27 -5.38
N TRP A 120 -27.27 3.84 -6.57
CA TRP A 120 -26.03 4.08 -7.32
C TRP A 120 -25.26 5.22 -6.60
N PRO A 121 -23.97 5.38 -6.93
CA PRO A 121 -23.26 6.57 -6.47
C PRO A 121 -23.75 7.81 -7.23
N PRO A 122 -23.36 9.01 -6.77
CA PRO A 122 -23.75 10.26 -7.43
C PRO A 122 -23.31 10.32 -8.89
N GLN A 123 -24.08 11.03 -9.73
CA GLN A 123 -23.81 11.01 -11.18
C GLN A 123 -22.85 12.13 -11.58
N GLY A 124 -21.75 11.78 -12.21
CA GLY A 124 -20.80 12.76 -12.80
C GLY A 124 -20.95 12.80 -14.32
N ILE A 125 -20.12 13.62 -14.95
CA ILE A 125 -20.14 13.82 -16.41
C ILE A 125 -18.82 13.32 -16.98
N TYR A 126 -18.90 12.49 -18.04
CA TYR A 126 -17.70 11.98 -18.70
C TYR A 126 -17.63 12.56 -20.10
N THR A 127 -16.46 13.02 -20.49
CA THR A 127 -16.33 13.69 -21.79
C THR A 127 -14.99 13.33 -22.44
N LYS A 128 -14.88 13.64 -23.74
CA LYS A 128 -13.65 13.38 -24.47
C LYS A 128 -12.77 14.63 -24.56
N LYS A 129 -13.35 15.79 -24.19
CA LYS A 129 -12.66 17.10 -24.23
C LYS A 129 -12.99 17.85 -22.96
N PRO A 130 -12.16 18.82 -22.57
CA PRO A 130 -12.54 19.61 -21.42
C PRO A 130 -13.92 20.30 -21.57
N VAL A 131 -14.65 20.38 -20.47
CA VAL A 131 -15.92 21.06 -20.42
C VAL A 131 -15.95 21.97 -19.19
N ALA A 132 -16.39 23.23 -19.38
CA ALA A 132 -16.50 24.19 -18.28
C ALA A 132 -17.89 24.87 -18.17
N ALA A 133 -18.74 24.67 -19.17
CA ALA A 133 -20.10 25.23 -19.22
C ALA A 133 -20.94 24.44 -20.23
N LEU A 134 -22.27 24.57 -20.15
CA LEU A 134 -23.18 23.86 -21.09
C LEU A 134 -22.87 24.06 -22.57
N ALA A 135 -22.37 25.25 -22.93
CA ALA A 135 -21.99 25.56 -24.30
C ALA A 135 -21.05 24.53 -24.92
N ASP A 136 -20.18 23.95 -24.08
CA ASP A 136 -19.22 22.94 -24.52
C ASP A 136 -19.93 21.66 -25.00
N LEU A 137 -21.16 21.48 -24.53
CA LEU A 137 -21.95 20.29 -24.84
C LEU A 137 -23.06 20.54 -25.87
N LYS A 138 -23.09 21.75 -26.43
CA LYS A 138 -24.14 22.10 -27.39
C LYS A 138 -24.00 21.22 -28.63
N GLY A 139 -25.08 20.52 -28.96
CA GLY A 139 -25.09 19.62 -30.11
C GLY A 139 -24.31 18.31 -29.93
N THR A 140 -23.70 18.12 -28.76
CA THR A 140 -23.01 16.88 -28.42
C THR A 140 -24.00 15.71 -28.33
N ARG A 141 -23.64 14.59 -28.93
CA ARG A 141 -24.39 13.32 -28.83
C ARG A 141 -24.14 12.80 -27.42
N PHE A 142 -25.14 12.96 -26.58
CA PHE A 142 -24.91 12.78 -25.16
C PHE A 142 -25.78 11.60 -24.71
N ARG A 143 -25.16 10.61 -24.10
CA ARG A 143 -25.91 9.43 -23.63
C ARG A 143 -27.00 9.77 -22.64
N ALA A 144 -28.21 9.26 -22.88
CA ALA A 144 -29.29 9.27 -21.88
C ALA A 144 -29.60 7.81 -21.53
N TYR A 145 -30.16 7.55 -20.35
CA TYR A 145 -30.43 6.16 -19.96
C TYR A 145 -31.81 5.95 -19.34
N SER A 146 -32.62 7.00 -19.41
CA SER A 146 -33.94 7.05 -18.79
C SER A 146 -34.70 8.24 -19.41
N ALA A 147 -36.02 8.28 -19.22
CA ALA A 147 -36.84 9.44 -19.58
C ALA A 147 -36.30 10.72 -18.93
N SER A 148 -36.01 10.68 -17.64
CA SER A 148 -35.47 11.86 -16.94
C SER A 148 -34.13 12.35 -17.53
N THR A 149 -33.17 11.45 -17.72
CA THR A 149 -31.90 11.88 -18.30
C THR A 149 -32.00 12.32 -19.77
N SER A 150 -32.95 11.76 -20.53
CA SER A 150 -33.25 12.27 -21.88
C SER A 150 -33.71 13.72 -21.87
N HIS A 151 -34.68 14.01 -21.01
CA HIS A 151 -35.17 15.35 -20.78
C HIS A 151 -34.05 16.30 -20.29
N ALA A 153 -30.79 16.03 -20.72
CA ALA A 153 -29.82 16.23 -21.79
C ALA A 153 -30.31 17.27 -22.81
N ALA A 154 -31.61 17.21 -23.14
CA ALA A 154 -32.21 18.14 -24.09
C ALA A 154 -32.12 19.58 -23.53
N LEU A 155 -32.46 19.73 -22.25
CA LEU A 155 -32.33 21.01 -21.56
C LEU A 155 -30.90 21.55 -21.48
N GLY A 157 -28.93 21.36 -23.94
CA GLY A 157 -28.60 21.72 -25.32
C GLY A 157 -27.88 20.62 -26.06
N ALA A 158 -27.80 19.43 -25.45
CA ALA A 158 -27.14 18.29 -26.06
C ALA A 158 -28.16 17.50 -26.87
N VAL A 159 -27.71 16.51 -27.63
CA VAL A 159 -28.65 15.67 -28.38
C VAL A 159 -28.75 14.32 -27.66
N PRO A 160 -29.85 14.10 -26.93
CA PRO A 160 -29.95 12.86 -26.14
C PRO A 160 -30.00 11.64 -27.04
N THR A 161 -29.28 10.61 -26.62
CA THR A 161 -29.21 9.37 -27.35
C THR A 161 -29.29 8.25 -26.28
N THR A 162 -30.39 7.51 -26.28
CA THR A 162 -30.62 6.46 -25.27
C THR A 162 -29.70 5.29 -25.53
N VAL A 163 -28.88 4.95 -24.53
CA VAL A 163 -28.01 3.78 -24.67
C VAL A 163 -28.04 3.06 -23.32
N GLN A 164 -28.38 1.78 -23.35
CA GLN A 164 -28.48 1.04 -22.09
C GLN A 164 -27.06 0.69 -21.67
N THR A 165 -26.86 0.38 -20.39
CA THR A 165 -25.50 0.29 -19.83
C THR A 165 -24.52 -0.66 -20.55
N PRO A 166 -24.94 -1.90 -20.87
CA PRO A 166 -24.05 -2.84 -21.55
C PRO A 166 -23.59 -2.41 -22.93
N GLU A 167 -24.30 -1.49 -23.57
CA GLU A 167 -23.98 -1.06 -24.93
C GLU A 167 -23.12 0.22 -24.96
N VAL A 168 -22.77 0.76 -23.79
CA VAL A 168 -22.06 2.05 -23.70
C VAL A 168 -20.71 2.00 -24.44
N PRO A 169 -19.83 1.00 -24.12
CA PRO A 169 -18.54 0.97 -24.85
C PRO A 169 -18.70 0.90 -26.38
N GLN A 170 -19.58 0.05 -26.88
CA GLN A 170 -19.92 -0.01 -28.31
C GLN A 170 -20.31 1.35 -28.86
N ALA A 171 -21.24 2.00 -28.15
CA ALA A 171 -21.81 3.28 -28.58
C ALA A 171 -20.72 4.37 -28.71
N PHE A 172 -19.78 4.42 -27.77
CA PHE A 172 -18.60 5.30 -27.91
C PHE A 172 -17.69 4.94 -29.07
N SER A 173 -17.52 3.65 -29.29
CA SER A 173 -16.59 3.15 -30.30
C SER A 173 -17.07 3.53 -31.71
N THR A 174 -18.36 3.46 -31.93
CA THR A 174 -18.91 3.71 -33.26
C THR A 174 -19.36 5.16 -33.39
N GLY A 175 -19.12 5.97 -32.36
CA GLY A 175 -19.44 7.39 -32.39
C GLY A 175 -20.90 7.73 -32.20
N VAL A 176 -21.68 6.78 -31.71
CA VAL A 176 -23.08 7.05 -31.47
C VAL A 176 -23.20 8.03 -30.34
N ILE A 177 -22.27 7.98 -29.39
CA ILE A 177 -22.29 8.94 -28.29
C ILE A 177 -20.87 9.48 -28.09
N ASP A 178 -20.77 10.69 -27.56
CA ASP A 178 -19.44 11.30 -27.34
C ASP A 178 -19.24 11.74 -25.89
N ALA A 179 -20.29 11.70 -25.08
CA ALA A 179 -20.26 12.13 -23.67
C ALA A 179 -21.37 11.43 -22.88
N LEU A 181 -23.44 10.80 -18.70
CA LEU A 181 -23.62 11.14 -17.31
C LEU A 181 -23.94 9.83 -16.62
N THR A 182 -23.13 9.51 -15.61
CA THR A 182 -23.28 8.24 -14.88
C THR A 182 -22.35 8.27 -13.69
N SER A 183 -22.48 7.26 -12.80
CA SER A 183 -21.69 7.18 -11.59
C SER A 183 -20.26 6.75 -11.92
N PRO A 184 -19.37 6.94 -10.94
CA PRO A 184 -18.05 6.31 -11.04
C PRO A 184 -18.13 4.77 -10.99
N ALA A 185 -19.25 4.20 -10.49
CA ALA A 185 -19.37 2.72 -10.50
C ALA A 185 -19.46 2.18 -11.93
N THR A 186 -20.31 2.80 -12.75
CA THR A 186 -20.42 2.43 -14.17
C THR A 186 -19.10 2.74 -14.89
N GLY A 187 -18.48 3.86 -14.52
CA GLY A 187 -17.15 4.19 -15.06
C GLY A 187 -16.12 3.07 -14.84
N VAL A 188 -16.09 2.52 -13.63
CA VAL A 188 -15.20 1.38 -13.36
C VAL A 188 -15.70 0.06 -13.96
N ASP A 189 -16.99 -0.29 -13.73
CA ASP A 189 -17.64 -1.47 -14.37
C ASP A 189 -17.26 -1.56 -15.87
N SER A 190 -17.35 -0.42 -16.58
CA SER A 190 -17.16 -0.47 -18.02
C SER A 190 -15.77 -0.01 -18.42
N GLN A 191 -14.88 0.21 -17.44
CA GLN A 191 -13.50 0.67 -17.69
C GLN A 191 -13.50 1.84 -18.66
N ALA A 192 -14.20 2.91 -18.27
CA ALA A 192 -14.51 4.04 -19.15
C ALA A 192 -13.27 4.81 -19.57
N TRP A 193 -12.21 4.68 -18.78
CA TRP A 193 -10.92 5.31 -19.19
C TRP A 193 -10.45 4.88 -20.59
N ASP A 194 -10.97 3.77 -21.13
CA ASP A 194 -10.60 3.34 -22.49
C ASP A 194 -11.28 4.17 -23.58
N TYR A 195 -12.33 4.92 -23.22
CA TYR A 195 -13.11 5.62 -24.22
C TYR A 195 -13.47 7.06 -23.95
N VAL A 196 -13.31 7.52 -22.71
CA VAL A 196 -13.44 8.94 -22.37
C VAL A 196 -12.21 9.38 -21.59
N LYS A 197 -12.03 10.70 -21.45
CA LYS A 197 -10.83 11.23 -20.80
C LYS A 197 -11.05 12.07 -19.56
N TYR A 198 -12.17 12.77 -19.48
CA TYR A 198 -12.45 13.69 -18.37
C TYR A 198 -13.66 13.23 -17.58
N TYR A 199 -13.55 13.23 -16.25
CA TYR A 199 -14.71 12.95 -15.38
C TYR A 199 -14.89 14.16 -14.48
N TYR A 200 -16.11 14.68 -14.40
CA TYR A 200 -16.42 15.82 -13.55
C TYR A 200 -17.35 15.29 -12.47
N ASP A 201 -16.96 15.50 -11.20
CA ASP A 201 -17.67 15.00 -10.03
C ASP A 201 -18.90 15.88 -9.79
N ALA A 202 -19.88 15.77 -10.70
CA ALA A 202 -21.04 16.65 -10.67
C ALA A 202 -22.00 16.43 -9.50
N GLN A 203 -22.06 15.18 -9.01
CA GLN A 203 -23.14 14.74 -8.12
C GLN A 203 -24.50 15.30 -8.57
N ALA A 204 -24.85 15.15 -9.84
CA ALA A 204 -26.10 15.74 -10.33
C ALA A 204 -27.33 15.20 -9.57
N PHE A 205 -27.33 13.88 -9.34
CA PHE A 205 -28.34 13.23 -8.55
C PHE A 205 -27.87 11.84 -8.15
N ILE A 206 -28.67 11.18 -7.32
CA ILE A 206 -28.32 9.83 -6.96
C ILE A 206 -29.51 8.87 -7.22
N PRO A 207 -29.46 8.16 -8.37
CA PRO A 207 -30.62 7.38 -8.79
C PRO A 207 -30.62 6.06 -8.04
N GLN A 208 -31.81 5.59 -7.71
CA GLN A 208 -31.98 4.34 -6.96
C GLN A 208 -32.17 3.19 -7.93
N SER A 209 -31.82 2.01 -7.45
CA SER A 209 -32.13 0.77 -8.14
C SER A 209 -33.05 -0.03 -7.19
N PHE A 210 -34.00 -0.79 -7.70
CA PHE A 210 -34.75 -1.67 -6.79
C PHE A 210 -34.98 -3.08 -7.27
N VAL A 211 -35.38 -3.94 -6.34
CA VAL A 211 -35.63 -5.33 -6.60
C VAL A 211 -37.12 -5.53 -6.36
N ILE A 212 -37.80 -5.98 -7.41
CA ILE A 212 -39.26 -6.01 -7.40
C ILE A 212 -39.68 -7.46 -7.75
N ALA A 213 -40.74 -7.97 -7.10
CA ALA A 213 -41.18 -9.35 -7.31
C ALA A 213 -42.60 -9.44 -7.87
N ASN A 214 -42.86 -10.51 -8.63
CA ASN A 214 -44.23 -10.81 -9.11
C ASN A 214 -45.08 -11.11 -7.87
N LYS A 215 -46.14 -10.34 -7.66
CA LYS A 215 -46.97 -10.47 -6.44
C LYS A 215 -47.61 -11.86 -6.29
N ARG A 216 -48.17 -12.38 -7.37
CA ARG A 216 -48.75 -13.75 -7.36
C ARG A 216 -47.73 -14.83 -7.00
N ALA A 217 -46.55 -14.77 -7.59
CA ALA A 217 -45.48 -15.68 -7.27
C ALA A 217 -45.10 -15.52 -5.79
N PHE A 218 -44.93 -14.27 -5.35
CA PHE A 218 -44.55 -13.99 -3.94
C PHE A 218 -45.63 -14.53 -3.00
N GLN A 219 -46.89 -14.23 -3.29
CA GLN A 219 -48.02 -14.64 -2.41
C GLN A 219 -48.17 -16.16 -2.33
N ARG A 220 -47.61 -16.87 -3.32
CA ARG A 220 -47.73 -18.34 -3.29
C ARG A 220 -46.69 -19.04 -2.39
N LEU A 221 -45.67 -18.29 -1.93
CA LEU A 221 -44.68 -18.87 -1.04
C LEU A 221 -45.32 -19.07 0.34
N PRO A 222 -44.81 -20.03 1.14
CA PRO A 222 -45.23 -20.07 2.56
C PRO A 222 -44.96 -18.73 3.25
N ALA A 223 -45.85 -18.37 4.18
CA ALA A 223 -45.75 -17.16 5.01
C ALA A 223 -44.33 -16.88 5.52
N GLU A 224 -43.72 -17.88 6.17
CA GLU A 224 -42.35 -17.75 6.69
C GLU A 224 -41.31 -17.43 5.59
N VAL A 225 -41.54 -17.98 4.40
CA VAL A 225 -40.62 -17.78 3.25
C VAL A 225 -40.81 -16.37 2.75
N ARG A 226 -42.08 -15.93 2.63
CA ARG A 226 -42.35 -14.53 2.29
C ARG A 226 -41.60 -13.59 3.22
N GLN A 227 -41.64 -13.85 4.53
CA GLN A 227 -41.01 -13.00 5.52
C GLN A 227 -39.50 -13.09 5.39
N ALA A 228 -38.97 -14.28 5.16
CA ALA A 228 -37.54 -14.40 4.92
C ALA A 228 -37.08 -13.52 3.72
N VAL A 229 -37.88 -13.48 2.66
CA VAL A 229 -37.52 -12.64 1.49
C VAL A 229 -37.48 -11.17 1.86
N LEU A 230 -38.52 -10.73 2.57
CA LEU A 230 -38.56 -9.34 3.00
C LEU A 230 -37.42 -8.98 3.93
N ASP A 231 -37.05 -9.88 4.85
CA ASP A 231 -35.98 -9.63 5.81
C ASP A 231 -34.63 -9.63 5.09
N ALA A 232 -34.43 -10.57 4.18
CA ALA A 232 -33.20 -10.58 3.40
C ALA A 232 -33.12 -9.27 2.58
N GLY A 233 -34.27 -8.78 2.10
CA GLY A 233 -34.35 -7.53 1.38
C GLY A 233 -33.93 -6.35 2.25
N ALA A 234 -34.45 -6.32 3.48
CA ALA A 234 -34.08 -5.27 4.43
C ALA A 234 -32.55 -5.22 4.63
N LYS A 235 -31.91 -6.38 4.81
CA LYS A 235 -30.47 -6.48 4.97
C LYS A 235 -29.74 -6.00 3.71
N ALA A 236 -30.30 -6.34 2.55
CA ALA A 236 -29.75 -5.87 1.27
C ALA A 236 -29.82 -4.35 1.10
N GLU A 237 -30.90 -3.74 1.56
CA GLU A 237 -31.08 -2.31 1.44
C GLU A 237 -30.02 -1.60 2.30
N ILE A 238 -29.83 -2.08 3.52
CA ILE A 238 -28.80 -1.54 4.42
C ILE A 238 -27.40 -1.73 3.80
N ARG A 239 -27.11 -2.94 3.34
CA ARG A 239 -25.81 -3.27 2.73
C ARG A 239 -25.58 -2.35 1.52
N GLY A 240 -26.65 -2.15 0.74
CA GLY A 240 -26.55 -1.37 -0.50
C GLY A 240 -26.16 0.08 -0.23
N TRP A 241 -26.88 0.71 0.69
CA TRP A 241 -26.54 2.05 1.15
C TRP A 241 -25.13 2.16 1.74
N GLN A 242 -24.73 1.23 2.60
CA GLN A 242 -23.36 1.25 3.17
C GLN A 242 -22.27 1.13 2.07
N THR A 243 -22.50 0.24 1.12
CA THR A 243 -21.51 -0.01 0.06
C THR A 243 -21.33 1.23 -0.84
N ALA A 244 -22.45 1.83 -1.25
CA ALA A 244 -22.41 3.03 -2.09
C ALA A 244 -21.61 4.12 -1.41
N ARG A 245 -21.95 4.41 -0.15
CA ARG A 245 -21.18 5.36 0.65
C ARG A 245 -19.70 4.97 0.76
N ALA A 246 -19.45 3.71 1.08
CA ALA A 246 -18.05 3.29 1.30
C ALA A 246 -17.21 3.26 0.02
N LYS A 247 -17.85 3.11 -1.14
CA LYS A 247 -17.09 2.83 -2.38
C LYS A 247 -16.96 3.99 -3.34
N THR A 248 -17.76 5.04 -3.14
CA THR A 248 -17.84 6.14 -4.09
C THR A 248 -16.42 6.75 -4.35
N ARG A 249 -15.66 7.00 -3.28
CA ARG A 249 -14.30 7.55 -3.45
C ARG A 249 -13.35 6.58 -4.09
N GLU A 250 -13.36 5.30 -3.67
CA GLU A 250 -12.46 4.28 -4.26
C GLU A 250 -12.70 4.15 -5.74
N LEU A 251 -13.97 4.21 -6.15
CA LEU A 251 -14.30 4.12 -7.57
C LEU A 251 -13.79 5.35 -8.34
N THR A 252 -13.94 6.51 -7.74
CA THR A 252 -13.46 7.77 -8.35
C THR A 252 -11.93 7.75 -8.44
N ASP A 253 -11.26 7.31 -7.38
CA ASP A 253 -9.76 7.16 -7.41
C ASP A 253 -9.35 6.20 -8.51
N THR A 254 -10.14 5.14 -8.73
CA THR A 254 -9.85 4.17 -9.79
C THR A 254 -9.82 4.79 -11.20
N LEU A 255 -10.78 5.67 -11.49
CA LEU A 255 -10.84 6.38 -12.77
C LEU A 255 -9.52 7.15 -12.96
N ALA A 256 -9.09 7.89 -11.94
CA ALA A 256 -7.86 8.70 -11.97
C ALA A 256 -6.61 7.88 -12.07
N ARG A 257 -6.55 6.76 -11.33
CA ARG A 257 -5.37 5.85 -11.40
C ARG A 257 -5.19 5.34 -12.82
N ASN A 258 -6.30 5.10 -13.50
CA ASN A 258 -6.27 4.63 -14.88
C ASN A 258 -6.15 5.70 -15.96
N GLY A 259 -5.83 6.91 -15.51
CA GLY A 259 -5.44 8.04 -16.38
C GLY A 259 -6.52 9.04 -16.78
N SER A 261 -8.66 12.33 -16.29
CA SER A 261 -8.61 13.52 -15.50
C SER A 261 -9.86 13.51 -14.62
N VAL A 262 -9.69 13.57 -13.31
CA VAL A 262 -10.85 13.67 -12.42
C VAL A 262 -10.89 15.07 -11.86
N GLU A 263 -12.01 15.76 -12.09
CA GLU A 263 -12.15 17.15 -11.67
C GLU A 263 -13.42 17.46 -10.89
N PRO A 264 -13.37 18.51 -10.03
CA PRO A 264 -14.61 18.90 -9.39
C PRO A 264 -15.52 19.54 -10.46
N LEU A 265 -16.73 19.84 -10.06
CA LEU A 265 -17.71 20.39 -10.97
C LEU A 265 -17.32 21.87 -11.21
N PRO A 266 -17.15 22.26 -12.49
CA PRO A 266 -16.83 23.69 -12.79
C PRO A 266 -17.98 24.65 -12.42
N PRO A 267 -17.66 25.89 -11.98
CA PRO A 267 -18.72 26.75 -11.42
C PRO A 267 -19.81 27.18 -12.38
N GLN A 268 -19.49 27.42 -13.66
CA GLN A 268 -20.53 27.77 -14.62
C GLN A 268 -21.44 26.56 -14.86
N LEU A 269 -20.85 25.38 -15.09
CA LEU A 269 -21.64 24.16 -15.17
C LEU A 269 -22.48 23.98 -13.89
N ALA A 270 -21.89 24.21 -12.73
CA ALA A 270 -22.65 24.06 -11.47
C ALA A 270 -23.88 24.95 -11.53
N LYS A 271 -23.66 26.23 -11.86
CA LYS A 271 -24.77 27.18 -11.99
C LYS A 271 -25.85 26.72 -12.97
N GLU A 272 -25.44 26.25 -14.14
CA GLU A 272 -26.38 25.93 -15.21
C GLU A 272 -27.17 24.65 -14.91
N LEU A 273 -26.51 23.65 -14.32
CA LEU A 273 -27.19 22.40 -13.93
C LEU A 273 -28.18 22.64 -12.78
N GLN A 274 -27.82 23.53 -11.87
CA GLN A 274 -28.73 23.97 -10.79
C GLN A 274 -29.99 24.63 -11.37
N ALA A 275 -29.82 25.46 -12.38
CA ALA A 275 -30.97 26.07 -13.08
C ALA A 275 -31.79 25.00 -13.81
N ILE A 276 -31.12 24.03 -14.44
CA ILE A 276 -31.80 22.89 -15.05
C ILE A 276 -32.62 22.08 -14.02
N GLY A 277 -32.07 21.91 -12.81
CA GLY A 277 -32.72 21.26 -11.70
C GLY A 277 -33.97 21.97 -11.21
N ALA A 278 -33.89 23.30 -11.13
CA ALA A 278 -35.05 24.15 -10.80
C ALA A 278 -36.20 23.97 -11.81
N THR A 279 -35.89 24.01 -13.10
CA THR A 279 -36.88 23.75 -14.14
C THR A 279 -37.51 22.36 -13.99
N VAL A 281 -37.73 20.19 -11.43
CA VAL A 281 -38.55 19.92 -10.25
C VAL A 281 -39.91 20.63 -10.36
N SER A 282 -39.92 21.75 -11.08
CA SER A 282 -41.14 22.47 -11.41
C SER A 282 -41.97 21.65 -12.42
N ASP A 283 -41.34 21.27 -13.53
CA ASP A 283 -41.92 20.38 -14.54
C ASP A 283 -42.48 19.11 -13.88
N TRP A 284 -41.72 18.57 -12.93
CA TRP A 284 -42.08 17.33 -12.24
C TRP A 284 -43.31 17.53 -11.36
N SER A 285 -43.29 18.60 -10.56
CA SER A 285 -44.40 18.96 -9.66
C SER A 285 -45.73 19.11 -10.39
N LYS A 286 -45.68 19.67 -11.60
CA LYS A 286 -46.88 19.85 -12.42
C LYS A 286 -47.51 18.49 -12.80
N LYS A 287 -46.67 17.53 -13.21
CA LYS A 287 -47.18 16.24 -13.72
C LYS A 287 -47.37 15.20 -12.60
N ALA A 288 -46.76 15.42 -11.46
CA ALA A 288 -47.06 14.63 -10.30
C ALA A 288 -48.32 15.24 -9.69
N GLY A 289 -49.11 14.45 -9.00
CA GLY A 289 -50.38 14.97 -8.49
C GLY A 289 -50.17 15.52 -7.11
N ALA A 290 -51.15 15.26 -6.24
CA ALA A 290 -51.04 15.56 -4.82
C ALA A 290 -50.09 14.57 -4.16
N ASP A 291 -49.94 13.39 -4.76
CA ASP A 291 -49.01 12.39 -4.24
C ASP A 291 -47.59 12.92 -4.35
N GLY A 292 -47.26 13.50 -5.50
CA GLY A 292 -46.01 14.24 -5.68
C GLY A 292 -45.76 15.26 -4.58
N GLN A 293 -46.71 16.17 -4.39
CA GLN A 293 -46.58 17.20 -3.34
C GLN A 293 -46.40 16.63 -1.94
N GLN A 294 -47.12 15.57 -1.60
CA GLN A 294 -46.92 14.96 -0.28
C GLN A 294 -45.55 14.28 -0.13
N LEU A 295 -44.97 13.85 -1.25
CA LEU A 295 -43.61 13.28 -1.26
C LEU A 295 -42.59 14.41 -0.98
N LEU A 296 -42.66 15.47 -1.78
CA LEU A 296 -41.79 16.64 -1.62
C LEU A 296 -41.91 17.28 -0.23
N ASP A 297 -43.14 17.45 0.27
CA ASP A 297 -43.36 17.90 1.66
C ASP A 297 -42.67 16.99 2.67
N ALA A 298 -42.88 15.68 2.55
CA ALA A 298 -42.23 14.70 3.41
C ALA A 298 -40.70 14.81 3.37
N TYR A 299 -40.14 14.95 2.16
CA TYR A 299 -38.69 15.11 1.98
C TYR A 299 -38.20 16.40 2.64
N ARG A 300 -38.82 17.51 2.28
CA ARG A 300 -38.37 18.82 2.74
C ARG A 300 -38.74 19.12 4.20
N LYS A 301 -39.49 18.21 4.82
CA LYS A 301 -39.74 18.19 6.27
C LYS A 301 -38.42 18.12 7.05
N ALA B 1 -1.41 1.58 -25.74
CA ALA B 1 -0.39 1.33 -24.66
C ALA B 1 -1.14 1.20 -23.34
N THR B 2 -1.63 -0.02 -23.12
CA THR B 2 -2.48 -0.31 -21.98
C THR B 2 -1.61 -0.41 -20.73
N SER B 3 -2.07 0.21 -19.66
CA SER B 3 -1.45 -0.02 -18.36
C SER B 3 -2.46 -0.67 -17.44
N TRP B 4 -2.02 -1.73 -16.78
CA TRP B 4 -2.84 -2.44 -15.81
C TRP B 4 -2.19 -2.27 -14.44
N THR B 5 -3.02 -2.22 -13.41
CA THR B 5 -2.54 -2.27 -12.06
C THR B 5 -2.77 -3.70 -11.56
N THR B 7 -2.36 -6.22 -8.06
CA THR B 7 -2.09 -6.43 -6.64
C THR B 7 -1.38 -7.77 -6.46
N ALA B 8 -0.38 -7.79 -5.60
CA ALA B 8 0.27 -9.05 -5.18
C ALA B 8 0.20 -9.08 -3.65
N GLU B 9 0.06 -10.30 -3.08
CA GLU B 9 -0.25 -10.43 -1.65
C GLU B 9 0.94 -10.16 -0.73
N GLN B 10 2.10 -10.67 -1.15
CA GLN B 10 3.26 -10.88 -0.26
C GLN B 10 4.37 -9.85 -0.52
N PRO B 11 5.36 -9.74 0.41
CA PRO B 11 6.46 -8.77 0.27
C PRO B 11 7.32 -9.09 -0.96
N ASP B 12 8.10 -8.14 -1.44
CA ASP B 12 8.79 -8.26 -2.69
C ASP B 12 9.81 -9.39 -2.78
N ALA B 13 10.47 -9.73 -1.68
CA ALA B 13 11.41 -10.88 -1.73
C ALA B 13 10.77 -12.27 -1.66
N ASN B 14 9.48 -12.32 -1.43
CA ASN B 14 8.79 -13.61 -1.47
C ASN B 14 8.81 -14.16 -2.92
N TYR B 15 9.11 -15.44 -3.12
CA TYR B 15 9.25 -15.95 -4.48
C TYR B 15 7.97 -15.85 -5.33
N LEU B 16 6.80 -15.86 -4.69
CA LEU B 16 5.57 -15.74 -5.49
C LEU B 16 5.42 -14.31 -6.03
N THR B 17 5.80 -13.32 -5.22
CA THR B 17 5.82 -11.93 -5.71
C THR B 17 6.90 -11.71 -6.78
N GLN B 18 8.09 -12.30 -6.57
CA GLN B 18 9.12 -12.19 -7.58
C GLN B 18 8.65 -12.80 -8.91
N ASN B 19 7.96 -13.94 -8.83
CA ASN B 19 7.47 -14.63 -10.03
C ASN B 19 6.41 -13.73 -10.72
N ALA B 20 5.56 -13.09 -9.92
CA ALA B 20 4.58 -12.17 -10.47
C ALA B 20 5.25 -10.95 -11.15
N ARG B 21 6.32 -10.41 -10.58
CA ARG B 21 7.04 -9.31 -11.22
C ARG B 21 7.72 -9.80 -12.50
N GLN B 22 8.23 -11.01 -12.47
CA GLN B 22 8.81 -11.56 -13.70
C GLN B 22 7.75 -11.79 -14.81
N PHE B 23 6.60 -12.34 -14.44
CA PHE B 23 5.44 -12.37 -15.32
C PHE B 23 5.13 -10.98 -15.94
N ALA B 24 4.96 -9.96 -15.12
CA ALA B 24 4.71 -8.59 -15.59
C ALA B 24 5.79 -8.14 -16.59
N ASP B 25 7.04 -8.39 -16.24
CA ASP B 25 8.16 -8.01 -17.12
C ASP B 25 8.08 -8.78 -18.45
N GLU B 26 7.75 -10.09 -18.39
CA GLU B 26 7.68 -10.90 -19.59
C GLU B 26 6.51 -10.51 -20.50
N VAL B 27 5.39 -10.08 -19.91
CA VAL B 27 4.28 -9.54 -20.66
C VAL B 27 4.68 -8.26 -21.42
N LYS B 28 5.34 -7.33 -20.74
CA LYS B 28 5.80 -6.09 -21.37
C LYS B 28 6.74 -6.41 -22.54
N ALA B 29 7.73 -7.26 -22.32
CA ALA B 29 8.66 -7.69 -23.38
C ALA B 29 7.98 -8.33 -24.61
N ALA B 30 7.10 -9.28 -24.34
CA ALA B 30 6.39 -10.03 -25.37
C ALA B 30 5.35 -9.19 -26.10
N THR B 31 4.97 -8.04 -25.56
CA THR B 31 4.08 -7.17 -26.29
C THR B 31 4.79 -5.89 -26.78
N ALA B 32 6.11 -5.85 -26.67
CA ALA B 32 6.88 -4.64 -27.03
C ALA B 32 6.30 -3.39 -26.38
N GLY B 33 5.93 -3.52 -25.12
CA GLY B 33 5.38 -2.39 -24.39
C GLY B 33 3.92 -2.06 -24.57
N ALA B 34 3.20 -2.81 -25.41
CA ALA B 34 1.77 -2.52 -25.65
C ALA B 34 0.89 -2.76 -24.39
N LEU B 35 1.36 -3.63 -23.51
CA LEU B 35 0.68 -3.82 -22.22
C LEU B 35 1.73 -3.81 -21.12
N GLU B 36 1.56 -2.93 -20.15
CA GLU B 36 2.40 -3.02 -18.97
C GLU B 36 1.58 -3.19 -17.70
N ILE B 37 2.12 -4.01 -16.83
CA ILE B 37 1.47 -4.40 -15.62
C ILE B 37 2.37 -3.87 -14.52
N LYS B 38 1.82 -2.95 -13.72
CA LYS B 38 2.53 -2.37 -12.58
C LYS B 38 2.09 -3.12 -11.33
N VAL B 39 3.05 -3.72 -10.65
CA VAL B 39 2.75 -4.61 -9.54
C VAL B 39 2.88 -3.82 -8.25
N GLN B 40 1.81 -3.81 -7.46
CA GLN B 40 1.85 -3.29 -6.10
C GLN B 40 1.73 -4.44 -5.11
N SER B 41 2.81 -4.72 -4.40
CA SER B 41 2.88 -5.92 -3.58
C SER B 41 2.53 -5.70 -2.10
N ASN B 42 2.74 -6.75 -1.31
CA ASN B 42 2.51 -6.76 0.12
C ASN B 42 1.09 -6.38 0.57
N SER B 43 0.10 -6.69 -0.26
CA SER B 43 -1.30 -6.41 0.06
C SER B 43 -1.63 -4.96 0.40
N THR B 44 -0.88 -4.01 -0.17
CA THR B 44 -1.09 -2.60 0.15
C THR B 44 -2.21 -1.99 -0.60
N LEU B 45 -2.53 -2.56 -1.77
CA LEU B 45 -3.68 -2.09 -2.54
C LEU B 45 -5.00 -2.78 -2.13
N LEU B 46 -4.97 -4.10 -2.00
CA LEU B 46 -6.15 -4.90 -1.56
C LEU B 46 -5.64 -6.00 -0.66
N LYS B 47 -6.37 -6.27 0.41
CA LYS B 47 -6.00 -7.36 1.32
C LYS B 47 -6.51 -8.67 0.73
N ARG B 48 -5.95 -9.79 1.17
CA ARG B 48 -6.30 -11.10 0.64
C ARG B 48 -7.83 -11.33 0.44
N PRO B 49 -8.65 -11.08 1.48
CA PRO B 49 -10.09 -11.36 1.30
C PRO B 49 -10.78 -10.41 0.28
N GLU B 50 -10.09 -9.33 -0.12
CA GLU B 50 -10.65 -8.33 -1.02
C GLU B 50 -10.21 -8.52 -2.46
N VAL B 51 -9.21 -9.37 -2.71
CA VAL B 51 -8.63 -9.45 -4.04
C VAL B 51 -9.63 -9.91 -5.13
N LYS B 52 -10.35 -11.01 -4.89
CA LYS B 52 -11.18 -11.54 -5.94
C LYS B 52 -12.22 -10.50 -6.36
N ARG B 53 -12.87 -9.87 -5.38
CA ARG B 53 -13.88 -8.87 -5.70
C ARG B 53 -13.24 -7.62 -6.35
N GLY B 54 -12.05 -7.26 -5.90
CA GLY B 54 -11.35 -6.12 -6.52
C GLY B 54 -11.07 -6.36 -8.00
N VAL B 55 -10.62 -7.57 -8.31
CA VAL B 55 -10.36 -8.00 -9.70
C VAL B 55 -11.67 -8.05 -10.51
N GLN B 56 -12.71 -8.63 -9.91
CA GLN B 56 -14.00 -8.72 -10.62
C GLN B 56 -14.57 -7.31 -10.89
N GLN B 57 -14.51 -6.41 -9.90
CA GLN B 57 -14.96 -4.99 -10.04
C GLN B 57 -14.11 -4.30 -11.15
N GLY B 58 -12.82 -4.60 -11.16
CA GLY B 58 -11.88 -3.91 -12.06
C GLY B 58 -11.17 -2.74 -11.42
N VAL B 59 -11.26 -2.63 -10.10
CA VAL B 59 -10.44 -1.71 -9.31
C VAL B 59 -8.96 -2.01 -9.54
N VAL B 60 -8.63 -3.30 -9.69
CA VAL B 60 -7.35 -3.70 -10.31
C VAL B 60 -7.70 -4.58 -11.52
N GLN B 61 -6.86 -4.61 -12.54
CA GLN B 61 -7.18 -5.43 -13.69
C GLN B 61 -6.72 -6.86 -13.50
N ILE B 62 -5.81 -7.06 -12.54
CA ILE B 62 -5.25 -8.38 -12.34
C ILE B 62 -4.74 -8.44 -10.91
N GLY B 63 -4.68 -9.64 -10.34
CA GLY B 63 -4.31 -9.75 -8.96
C GLY B 63 -3.87 -11.15 -8.59
N GLU B 64 -2.92 -11.21 -7.65
CA GLU B 64 -2.49 -12.47 -7.08
C GLU B 64 -3.16 -12.67 -5.70
N VAL B 65 -3.64 -13.90 -5.47
CA VAL B 65 -4.27 -14.21 -4.19
C VAL B 65 -4.16 -15.73 -3.96
N LEU B 66 -4.13 -16.09 -2.69
CA LEU B 66 -4.26 -17.45 -2.25
C LEU B 66 -5.59 -18.03 -2.81
N VAL B 67 -5.52 -19.15 -3.52
CA VAL B 67 -6.72 -19.75 -4.15
C VAL B 67 -7.79 -19.99 -3.10
N SER B 68 -7.36 -20.56 -1.98
CA SER B 68 -8.28 -20.94 -0.90
C SER B 68 -8.86 -19.74 -0.14
N ALA B 69 -8.44 -18.51 -0.46
CA ALA B 69 -9.21 -17.34 -0.02
C ALA B 69 -10.66 -17.33 -0.55
N LEU B 70 -10.91 -18.03 -1.65
CA LEU B 70 -12.25 -18.12 -2.23
C LEU B 70 -13.10 -19.28 -1.69
N GLY B 71 -12.54 -20.03 -0.74
CA GLY B 71 -13.08 -21.34 -0.34
C GLY B 71 -14.47 -21.30 0.30
N ASN B 72 -14.73 -20.23 1.04
CA ASN B 72 -16.05 -20.04 1.67
C ASN B 72 -17.15 -19.84 0.63
N GLU B 73 -16.82 -19.16 -0.48
CA GLU B 73 -17.82 -18.88 -1.47
C GLU B 73 -18.02 -20.09 -2.37
N ASP B 74 -16.95 -20.84 -2.65
CA ASP B 74 -17.02 -22.05 -3.49
C ASP B 74 -15.94 -23.07 -3.02
N PRO B 75 -16.37 -24.25 -2.50
CA PRO B 75 -15.42 -25.17 -1.85
C PRO B 75 -14.38 -25.77 -2.77
N LEU B 76 -14.60 -25.72 -4.09
CA LEU B 76 -13.63 -26.25 -5.02
C LEU B 76 -12.29 -25.53 -4.83
N PHE B 77 -12.37 -24.30 -4.37
CA PHE B 77 -11.19 -23.42 -4.21
C PHE B 77 -10.34 -23.75 -3.00
N GLU B 78 -10.79 -24.69 -2.14
CA GLU B 78 -10.00 -25.01 -0.93
C GLU B 78 -9.58 -26.49 -0.82
N ILE B 79 -9.62 -27.20 -1.94
CA ILE B 79 -9.25 -28.61 -1.95
C ILE B 79 -7.76 -28.74 -1.68
N ASP B 80 -6.99 -27.69 -2.03
CA ASP B 80 -5.53 -27.69 -1.78
C ASP B 80 -5.16 -27.51 -0.31
N SER B 81 -6.16 -27.36 0.56
CA SER B 81 -5.91 -27.12 1.97
C SER B 81 -6.43 -28.24 2.89
N VAL B 82 -6.89 -29.34 2.31
CA VAL B 82 -7.27 -30.52 3.10
C VAL B 82 -5.97 -31.22 3.54
N PRO B 83 -5.74 -31.27 4.87
CA PRO B 83 -4.51 -31.85 5.40
C PRO B 83 -4.29 -33.31 4.99
N PHE B 84 -3.10 -33.58 4.47
CA PHE B 84 -2.66 -34.92 4.04
C PHE B 84 -3.41 -35.53 2.87
N LEU B 85 -4.16 -34.73 2.14
CA LEU B 85 -4.74 -35.20 0.89
C LEU B 85 -3.69 -35.25 -0.19
N ALA B 86 -2.84 -34.22 -0.26
CA ALA B 86 -1.81 -34.15 -1.28
C ALA B 86 -0.61 -33.43 -0.69
N SER B 87 0.22 -34.16 0.05
CA SER B 87 1.29 -33.49 0.82
C SER B 87 2.68 -33.50 0.18
N SER B 88 2.83 -34.15 -0.97
CA SER B 88 4.04 -33.99 -1.77
C SER B 88 3.77 -33.11 -2.99
N PHE B 89 4.81 -32.51 -3.55
CA PHE B 89 4.63 -31.67 -4.73
C PHE B 89 4.07 -32.48 -5.90
N ASN B 90 4.48 -33.74 -6.02
CA ASN B 90 3.95 -34.62 -7.08
C ASN B 90 2.43 -34.85 -6.92
N GLU B 91 2.00 -35.08 -5.69
CA GLU B 91 0.58 -35.24 -5.39
C GLU B 91 -0.18 -33.90 -5.58
N SER B 92 0.36 -32.82 -5.00
CA SER B 92 -0.19 -31.46 -5.19
C SER B 92 -0.37 -31.12 -6.67
N GLU B 93 0.65 -31.45 -7.46
CA GLU B 93 0.60 -31.18 -8.89
C GLU B 93 -0.50 -31.96 -9.61
N LYS B 94 -0.65 -33.24 -9.29
CA LYS B 94 -1.80 -34.01 -9.82
C LYS B 94 -3.14 -33.42 -9.33
N LEU B 95 -3.19 -33.01 -8.07
CA LEU B 95 -4.42 -32.39 -7.56
C LEU B 95 -4.72 -31.09 -8.33
N TRP B 96 -3.68 -30.29 -8.59
CA TRP B 96 -3.83 -29.02 -9.34
C TRP B 96 -4.33 -29.23 -10.76
N LYS B 97 -3.81 -30.25 -11.45
CA LYS B 97 -4.27 -30.53 -12.82
C LYS B 97 -5.75 -30.91 -12.86
N ALA B 98 -6.24 -31.57 -11.81
CA ALA B 98 -7.66 -31.89 -11.70
C ALA B 98 -8.50 -30.66 -11.36
N THR B 99 -7.93 -29.78 -10.53
CA THR B 99 -8.67 -28.67 -9.92
C THR B 99 -8.73 -27.48 -10.89
N ARG B 100 -7.58 -27.14 -11.47
CA ARG B 100 -7.42 -25.94 -12.33
C ARG B 100 -8.51 -25.72 -13.39
N PRO B 101 -8.83 -26.74 -14.25
CA PRO B 101 -9.88 -26.43 -15.25
C PRO B 101 -11.24 -26.11 -14.62
N LEU B 102 -11.56 -26.72 -13.49
CA LEU B 102 -12.82 -26.42 -12.80
C LEU B 102 -12.82 -24.97 -12.27
N LEU B 103 -11.71 -24.57 -11.65
CA LEU B 103 -11.60 -23.20 -11.11
C LEU B 103 -11.69 -22.20 -12.27
N ALA B 104 -11.06 -22.53 -13.39
CA ALA B 104 -11.05 -21.63 -14.53
C ALA B 104 -12.48 -21.41 -15.06
N GLN B 105 -13.27 -22.47 -15.08
CA GLN B 105 -14.65 -22.39 -15.55
C GLN B 105 -15.52 -21.62 -14.56
N ARG B 106 -15.37 -21.89 -13.27
CA ARG B 106 -16.06 -21.15 -12.20
C ARG B 106 -15.79 -19.61 -12.24
N LEU B 107 -14.52 -19.26 -12.31
CA LEU B 107 -14.10 -17.85 -12.44
C LEU B 107 -14.61 -17.21 -13.70
N ASP B 108 -14.49 -17.92 -14.83
CA ASP B 108 -14.96 -17.35 -16.10
C ASP B 108 -16.45 -16.93 -16.04
N LYS B 109 -17.28 -17.74 -15.37
CA LYS B 109 -18.71 -17.46 -15.21
C LYS B 109 -19.00 -16.17 -14.46
N GLN B 110 -18.05 -15.74 -13.63
CA GLN B 110 -18.24 -14.53 -12.88
C GLN B 110 -17.29 -13.36 -13.34
N GLY B 111 -16.76 -13.47 -14.57
CA GLY B 111 -16.06 -12.35 -15.24
C GLY B 111 -14.60 -12.28 -14.81
N ILE B 112 -14.03 -13.45 -14.51
CA ILE B 112 -12.62 -13.55 -14.09
C ILE B 112 -11.89 -14.60 -14.93
N VAL B 113 -10.69 -14.25 -15.39
CA VAL B 113 -9.81 -15.11 -16.18
C VAL B 113 -8.66 -15.63 -15.30
N LEU B 114 -8.57 -16.95 -15.18
CA LEU B 114 -7.48 -17.58 -14.44
C LEU B 114 -6.22 -17.56 -15.33
N VAL B 115 -5.18 -16.82 -14.91
CA VAL B 115 -4.00 -16.60 -15.75
C VAL B 115 -2.96 -17.69 -15.45
N TYR B 116 -2.59 -17.83 -14.18
CA TYR B 116 -1.67 -18.90 -13.76
C TYR B 116 -1.72 -19.17 -12.26
N GLY B 117 -1.21 -20.33 -11.86
CA GLY B 117 -1.10 -20.69 -10.44
C GLY B 117 0.36 -20.94 -10.11
N SER B 118 0.70 -20.82 -8.85
CA SER B 118 1.96 -21.38 -8.34
C SER B 118 1.77 -21.81 -6.90
N PRO B 119 2.46 -22.88 -6.49
CA PRO B 119 2.26 -23.31 -5.10
C PRO B 119 3.12 -22.58 -4.07
N TRP B 120 2.58 -22.43 -2.87
CA TRP B 120 3.39 -22.17 -1.72
C TRP B 120 4.17 -23.44 -1.33
N PRO B 121 5.20 -23.32 -0.47
CA PRO B 121 5.73 -24.61 0.06
C PRO B 121 4.77 -25.36 1.02
N PRO B 122 5.06 -26.65 1.32
CA PRO B 122 4.28 -27.40 2.31
C PRO B 122 4.17 -26.67 3.67
N GLN B 123 3.03 -26.83 4.32
CA GLN B 123 2.72 -26.09 5.54
C GLN B 123 3.23 -26.77 6.82
N GLY B 124 4.03 -26.06 7.60
CA GLY B 124 4.51 -26.61 8.89
C GLY B 124 3.85 -25.88 10.05
N ILE B 125 4.23 -26.26 11.26
CA ILE B 125 3.64 -25.66 12.46
C ILE B 125 4.74 -25.00 13.29
N TYR B 126 4.52 -23.74 13.63
CA TYR B 126 5.47 -22.91 14.38
C TYR B 126 4.97 -22.76 15.82
N THR B 127 5.82 -23.08 16.80
CA THR B 127 5.41 -22.98 18.20
C THR B 127 6.52 -22.37 19.07
N LYS B 128 6.13 -21.82 20.22
CA LYS B 128 7.07 -21.25 21.17
C LYS B 128 7.75 -22.35 22.02
N LYS B 129 6.96 -23.34 22.43
CA LYS B 129 7.49 -24.43 23.25
C LYS B 129 7.28 -25.75 22.53
N PRO B 130 7.96 -26.84 22.95
CA PRO B 130 7.79 -28.11 22.24
C PRO B 130 6.36 -28.58 22.30
N VAL B 131 5.95 -29.33 21.27
CA VAL B 131 4.60 -29.81 21.11
C VAL B 131 4.69 -31.28 20.69
N ALA B 132 3.86 -32.14 21.27
CA ALA B 132 3.91 -33.57 20.99
C ALA B 132 2.56 -34.06 20.52
N ALA B 133 1.53 -33.34 20.93
CA ALA B 133 0.16 -33.79 20.69
C ALA B 133 -0.80 -32.61 20.67
N LEU B 134 -2.01 -32.84 20.15
CA LEU B 134 -3.01 -31.77 20.06
C LEU B 134 -3.30 -31.16 21.42
N ALA B 135 -3.13 -31.98 22.46
CA ALA B 135 -3.27 -31.56 23.85
C ALA B 135 -2.38 -30.37 24.21
N ASP B 136 -1.16 -30.35 23.68
CA ASP B 136 -0.20 -29.23 23.84
C ASP B 136 -0.68 -27.92 23.21
N LEU B 137 -1.60 -28.00 22.26
CA LEU B 137 -2.14 -26.80 21.60
C LEU B 137 -3.58 -26.47 22.01
N LYS B 138 -4.14 -27.21 22.96
CA LYS B 138 -5.51 -26.97 23.43
C LYS B 138 -5.62 -25.56 23.98
N GLY B 139 -6.61 -24.81 23.51
CA GLY B 139 -6.78 -23.41 23.93
C GLY B 139 -5.75 -22.41 23.40
N THR B 140 -4.75 -22.91 22.67
CA THR B 140 -3.72 -22.06 22.04
C THR B 140 -4.35 -21.10 21.01
N ARG B 141 -3.99 -19.81 21.09
CA ARG B 141 -4.40 -18.82 20.06
C ARG B 141 -3.62 -19.13 18.79
N PHE B 142 -4.26 -19.83 17.87
CA PHE B 142 -3.56 -20.38 16.74
C PHE B 142 -3.99 -19.58 15.51
N ARG B 143 -2.99 -19.11 14.77
CA ARG B 143 -3.28 -18.35 13.55
C ARG B 143 -3.99 -19.17 12.46
N ALA B 144 -5.05 -18.57 11.91
CA ALA B 144 -5.72 -19.07 10.71
C ALA B 144 -5.57 -17.99 9.63
N TYR B 145 -5.59 -18.40 8.37
CA TYR B 145 -5.45 -17.38 7.30
C TYR B 145 -6.44 -17.56 6.16
N SER B 146 -7.39 -18.49 6.37
CA SER B 146 -8.40 -18.87 5.40
C SER B 146 -9.53 -19.58 6.14
N ALA B 147 -10.64 -19.80 5.44
CA ALA B 147 -11.78 -20.50 6.02
C ALA B 147 -11.34 -21.92 6.40
N SER B 148 -10.60 -22.57 5.51
CA SER B 148 -10.14 -23.94 5.74
C SER B 148 -9.21 -24.06 6.96
N THR B 149 -8.29 -23.11 7.10
CA THR B 149 -7.36 -23.15 8.24
C THR B 149 -8.05 -22.73 9.54
N SER B 150 -9.11 -21.93 9.43
CA SER B 150 -9.90 -21.61 10.63
C SER B 150 -10.63 -22.86 11.12
N HIS B 151 -11.22 -23.59 10.18
CA HIS B 151 -11.87 -24.88 10.45
C HIS B 151 -10.88 -25.88 11.07
N ALA B 153 -7.97 -25.32 12.54
CA ALA B 153 -7.50 -24.91 13.87
C ALA B 153 -8.52 -25.28 14.97
N ALA B 154 -9.81 -25.06 14.67
CA ALA B 154 -10.92 -25.42 15.56
C ALA B 154 -10.90 -26.93 15.85
N LEU B 155 -10.90 -27.73 14.80
CA LEU B 155 -10.81 -29.18 14.90
C LEU B 155 -9.61 -29.67 15.70
N GLY B 157 -8.61 -28.22 18.42
CA GLY B 157 -8.82 -27.82 19.82
C GLY B 157 -8.20 -26.47 20.15
N ALA B 158 -7.59 -25.83 19.14
CA ALA B 158 -6.97 -24.52 19.33
C ALA B 158 -8.04 -23.45 19.17
N VAL B 159 -7.65 -22.20 19.38
CA VAL B 159 -8.56 -21.10 19.18
C VAL B 159 -8.16 -20.42 17.85
N PRO B 160 -8.99 -20.58 16.79
CA PRO B 160 -8.63 -20.03 15.46
C PRO B 160 -8.65 -18.51 15.51
N THR B 161 -7.54 -17.87 15.15
CA THR B 161 -7.44 -16.40 15.18
C THR B 161 -7.00 -15.91 13.78
N THR B 162 -7.89 -15.21 13.07
CA THR B 162 -7.59 -14.81 11.69
C THR B 162 -6.58 -13.67 11.61
N VAL B 163 -5.43 -13.94 11.00
CA VAL B 163 -4.40 -12.91 10.81
C VAL B 163 -3.82 -12.97 9.38
N GLN B 164 -3.94 -11.87 8.65
CA GLN B 164 -3.39 -11.81 7.31
C GLN B 164 -1.88 -11.72 7.39
N THR B 165 -1.21 -12.23 6.35
CA THR B 165 0.25 -12.37 6.33
C THR B 165 1.01 -11.12 6.79
N PRO B 166 0.69 -9.91 6.24
CA PRO B 166 1.49 -8.73 6.67
C PRO B 166 1.39 -8.40 8.17
N GLU B 167 0.34 -8.88 8.82
CA GLU B 167 0.10 -8.58 10.23
C GLU B 167 0.68 -9.60 11.23
N VAL B 168 1.36 -10.63 10.71
CA VAL B 168 1.90 -11.72 11.53
C VAL B 168 2.89 -11.25 12.64
N PRO B 169 3.92 -10.44 12.29
CA PRO B 169 4.79 -9.94 13.39
C PRO B 169 4.06 -9.15 14.49
N GLN B 170 3.17 -8.22 14.12
CA GLN B 170 2.37 -7.45 15.08
C GLN B 170 1.48 -8.34 15.95
N ALA B 171 0.87 -9.36 15.33
CA ALA B 171 -0.01 -10.30 16.04
C ALA B 171 0.74 -11.12 17.09
N PHE B 172 1.94 -11.60 16.74
CA PHE B 172 2.83 -12.26 17.71
C PHE B 172 3.27 -11.31 18.82
N SER B 173 3.75 -10.13 18.43
CA SER B 173 4.26 -9.18 19.42
C SER B 173 3.19 -8.68 20.40
N THR B 174 1.92 -8.67 20.01
CA THR B 174 0.86 -8.19 20.92
C THR B 174 0.07 -9.29 21.62
N GLY B 175 0.54 -10.54 21.48
CA GLY B 175 -0.15 -11.68 22.07
C GLY B 175 -1.42 -12.13 21.38
N VAL B 176 -1.69 -11.60 20.18
CA VAL B 176 -2.88 -12.00 19.44
C VAL B 176 -2.80 -13.47 19.02
N ILE B 177 -1.62 -13.90 18.64
CA ILE B 177 -1.40 -15.30 18.28
C ILE B 177 -0.14 -15.81 18.99
N ASP B 178 -0.13 -17.10 19.30
CA ASP B 178 0.97 -17.76 19.99
C ASP B 178 1.62 -18.83 19.15
N ALA B 179 0.92 -19.23 18.08
CA ALA B 179 1.36 -20.31 17.21
C ALA B 179 0.75 -20.11 15.83
N LEU B 181 0.30 -22.06 11.55
CA LEU B 181 0.62 -23.00 10.51
C LEU B 181 0.84 -22.19 9.24
N THR B 182 1.99 -22.39 8.60
CA THR B 182 2.36 -21.73 7.34
C THR B 182 3.64 -22.31 6.78
N SER B 183 4.03 -21.88 5.59
CA SER B 183 5.26 -22.37 4.97
C SER B 183 6.52 -21.77 5.58
N PRO B 184 7.67 -22.37 5.31
CA PRO B 184 8.93 -21.68 5.60
C PRO B 184 9.12 -20.36 4.84
N ALA B 185 8.48 -20.18 3.68
CA ALA B 185 8.56 -18.89 2.96
C ALA B 185 8.07 -17.73 3.84
N THR B 186 6.89 -17.94 4.43
CA THR B 186 6.31 -16.97 5.33
C THR B 186 7.10 -16.81 6.65
N GLY B 187 7.68 -17.90 7.15
CA GLY B 187 8.55 -17.80 8.33
C GLY B 187 9.70 -16.84 8.05
N VAL B 188 10.30 -16.99 6.87
CA VAL B 188 11.36 -16.09 6.42
C VAL B 188 10.85 -14.63 6.24
N ASP B 189 9.75 -14.42 5.52
CA ASP B 189 9.22 -13.05 5.32
C ASP B 189 8.93 -12.36 6.65
N SER B 190 8.45 -13.11 7.64
CA SER B 190 7.99 -12.48 8.86
C SER B 190 9.07 -12.53 9.94
N GLN B 191 10.23 -13.08 9.62
CA GLN B 191 11.31 -13.30 10.61
C GLN B 191 10.70 -13.94 11.85
N ALA B 192 10.04 -15.06 11.60
CA ALA B 192 9.22 -15.73 12.64
C ALA B 192 10.08 -16.15 13.85
N TRP B 193 11.35 -16.46 13.61
CA TRP B 193 12.34 -16.74 14.68
C TRP B 193 12.43 -15.67 15.79
N ASP B 194 11.93 -14.46 15.54
CA ASP B 194 11.84 -13.45 16.58
C ASP B 194 10.84 -13.83 17.69
N TYR B 195 9.91 -14.73 17.41
CA TYR B 195 8.85 -15.06 18.38
C TYR B 195 8.46 -16.52 18.52
N VAL B 196 8.97 -17.40 17.69
CA VAL B 196 8.73 -18.84 17.88
C VAL B 196 10.04 -19.58 17.73
N LYS B 197 10.15 -20.73 18.36
CA LYS B 197 11.41 -21.49 18.37
C LYS B 197 11.35 -22.78 17.59
N TYR B 198 10.17 -23.39 17.55
CA TYR B 198 10.01 -24.75 17.01
C TYR B 198 9.26 -24.76 15.68
N TYR B 199 9.88 -25.35 14.66
CA TYR B 199 9.19 -25.61 13.39
C TYR B 199 9.00 -27.11 13.14
N TYR B 200 7.74 -27.55 13.17
CA TYR B 200 7.41 -28.92 12.80
C TYR B 200 7.09 -29.04 11.32
N ASP B 201 7.89 -29.83 10.61
CA ASP B 201 7.80 -29.99 9.15
C ASP B 201 6.62 -30.90 8.82
N ALA B 202 5.43 -30.44 9.19
CA ALA B 202 4.17 -31.18 9.05
C ALA B 202 3.87 -31.54 7.61
N GLN B 203 4.20 -30.65 6.67
CA GLN B 203 3.82 -30.87 5.26
C GLN B 203 2.31 -31.17 5.21
N ALA B 204 1.52 -30.41 5.96
CA ALA B 204 0.09 -30.71 6.09
C ALA B 204 -0.68 -30.58 4.77
N PHE B 205 -0.36 -29.53 4.01
CA PHE B 205 -0.92 -29.34 2.67
C PHE B 205 -0.04 -28.38 1.84
N ILE B 206 -0.36 -28.23 0.57
CA ILE B 206 0.41 -27.37 -0.30
C ILE B 206 -0.59 -26.39 -0.96
N PRO B 207 -0.82 -25.22 -0.33
CA PRO B 207 -1.85 -24.32 -0.83
C PRO B 207 -1.32 -23.56 -2.05
N GLN B 208 -2.20 -23.39 -3.03
CA GLN B 208 -1.86 -22.71 -4.28
C GLN B 208 -2.14 -21.22 -4.16
N SER B 209 -1.37 -20.48 -4.94
CA SER B 209 -1.62 -19.09 -5.19
C SER B 209 -2.02 -18.97 -6.65
N PHE B 210 -2.93 -18.05 -6.99
CA PHE B 210 -3.12 -17.79 -8.43
C PHE B 210 -3.23 -16.34 -8.82
N VAL B 211 -3.01 -16.11 -10.12
CA VAL B 211 -3.12 -14.80 -10.70
C VAL B 211 -4.37 -14.79 -11.59
N ILE B 212 -5.28 -13.86 -11.29
CA ILE B 212 -6.59 -13.81 -11.96
C ILE B 212 -6.81 -12.41 -12.53
N ALA B 213 -7.46 -12.32 -13.69
CA ALA B 213 -7.61 -11.02 -14.35
C ALA B 213 -9.08 -10.71 -14.59
N ASN B 214 -9.37 -9.42 -14.65
CA ASN B 214 -10.71 -8.98 -14.96
C ASN B 214 -10.98 -9.36 -16.44
N LYS B 215 -12.07 -10.08 -16.69
CA LYS B 215 -12.32 -10.61 -18.01
C LYS B 215 -12.61 -9.53 -19.04
N ARG B 216 -13.34 -8.49 -18.66
CA ARG B 216 -13.56 -7.36 -19.58
C ARG B 216 -12.25 -6.68 -20.00
N ALA B 217 -11.38 -6.45 -19.03
CA ALA B 217 -10.09 -5.85 -19.32
C ALA B 217 -9.28 -6.77 -20.26
N PHE B 218 -9.32 -8.08 -20.01
CA PHE B 218 -8.64 -9.09 -20.82
C PHE B 218 -9.19 -9.07 -22.26
N GLN B 219 -10.52 -9.15 -22.39
CA GLN B 219 -11.19 -9.18 -23.71
C GLN B 219 -10.93 -7.88 -24.51
N ARG B 220 -10.65 -6.76 -23.82
CA ARG B 220 -10.33 -5.50 -24.53
C ARG B 220 -8.94 -5.48 -25.17
N LEU B 221 -8.05 -6.33 -24.72
CA LEU B 221 -6.72 -6.43 -25.33
C LEU B 221 -6.84 -7.03 -26.74
N PRO B 222 -5.90 -6.67 -27.65
CA PRO B 222 -5.83 -7.32 -28.97
C PRO B 222 -5.65 -8.82 -28.76
N ALA B 223 -6.13 -9.67 -29.66
CA ALA B 223 -5.95 -11.13 -29.48
C ALA B 223 -4.46 -11.54 -29.32
N GLU B 224 -3.54 -10.86 -30.01
CA GLU B 224 -2.11 -11.21 -29.95
C GLU B 224 -1.60 -10.93 -28.53
N VAL B 225 -2.17 -9.90 -27.91
CA VAL B 225 -1.79 -9.50 -26.55
C VAL B 225 -2.40 -10.48 -25.56
N ARG B 226 -3.65 -10.86 -25.77
CA ARG B 226 -4.23 -11.96 -24.99
C ARG B 226 -3.36 -13.21 -24.99
N GLN B 227 -2.92 -13.64 -26.18
CA GLN B 227 -2.10 -14.83 -26.25
C GLN B 227 -0.81 -14.61 -25.50
N ALA B 228 -0.23 -13.41 -25.62
CA ALA B 228 1.01 -13.13 -24.89
C ALA B 228 0.85 -13.22 -23.37
N VAL B 229 -0.25 -12.69 -22.84
CA VAL B 229 -0.52 -12.70 -21.39
C VAL B 229 -0.66 -14.13 -20.91
N LEU B 230 -1.45 -14.93 -21.62
CA LEU B 230 -1.64 -16.31 -21.16
C LEU B 230 -0.39 -17.16 -21.36
N ASP B 231 0.38 -16.88 -22.41
CA ASP B 231 1.65 -17.58 -22.61
C ASP B 231 2.65 -17.23 -21.50
N ALA B 232 2.77 -15.95 -21.17
CA ALA B 232 3.60 -15.55 -19.99
C ALA B 232 3.11 -16.24 -18.71
N GLY B 233 1.79 -16.39 -18.59
CA GLY B 233 1.22 -17.06 -17.43
C GLY B 233 1.64 -18.52 -17.38
N ALA B 234 1.58 -19.20 -18.53
CA ALA B 234 2.01 -20.62 -18.62
C ALA B 234 3.46 -20.73 -18.16
N LYS B 235 4.28 -19.79 -18.60
CA LYS B 235 5.70 -19.79 -18.23
C LYS B 235 5.85 -19.56 -16.74
N ALA B 236 5.08 -18.62 -16.19
CA ALA B 236 5.12 -18.35 -14.74
C ALA B 236 4.68 -19.56 -13.90
N GLU B 237 3.67 -20.27 -14.39
CA GLU B 237 3.22 -21.49 -13.72
C GLU B 237 4.36 -22.54 -13.65
N ILE B 238 5.01 -22.79 -14.78
CA ILE B 238 6.14 -23.73 -14.82
C ILE B 238 7.22 -23.29 -13.83
N ARG B 239 7.56 -22.01 -13.87
CA ARG B 239 8.64 -21.44 -13.03
C ARG B 239 8.24 -21.54 -11.53
N GLY B 240 7.00 -21.20 -11.23
CA GLY B 240 6.54 -21.24 -9.86
C GLY B 240 6.61 -22.63 -9.25
N TRP B 241 6.20 -23.64 -10.02
CA TRP B 241 6.30 -25.02 -9.56
C TRP B 241 7.79 -25.44 -9.39
N GLN B 242 8.64 -25.08 -10.36
CA GLN B 242 10.07 -25.40 -10.26
C GLN B 242 10.74 -24.77 -9.03
N THR B 243 10.49 -23.47 -8.82
CA THR B 243 10.95 -22.72 -7.65
C THR B 243 10.50 -23.30 -6.32
N ALA B 244 9.20 -23.59 -6.18
CA ALA B 244 8.66 -24.15 -4.93
C ALA B 244 9.36 -25.51 -4.62
N ARG B 245 9.54 -26.33 -5.65
CA ARG B 245 10.20 -27.61 -5.50
C ARG B 245 11.68 -27.42 -5.09
N ALA B 246 12.37 -26.47 -5.70
CA ALA B 246 13.81 -26.29 -5.42
C ALA B 246 14.05 -25.54 -4.10
N LYS B 247 13.24 -24.54 -3.80
CA LYS B 247 13.48 -23.65 -2.69
C LYS B 247 12.92 -24.09 -1.34
N THR B 248 12.04 -25.09 -1.31
CA THR B 248 11.40 -25.47 -0.05
C THR B 248 12.47 -25.86 1.02
N ARG B 249 13.39 -26.74 0.64
CA ARG B 249 14.39 -27.21 1.61
C ARG B 249 15.33 -26.05 2.03
N GLU B 250 15.58 -25.16 1.07
CA GLU B 250 16.48 -24.04 1.27
C GLU B 250 15.87 -23.03 2.25
N LEU B 251 14.55 -22.83 2.13
CA LEU B 251 13.82 -21.96 3.06
C LEU B 251 13.70 -22.56 4.46
N THR B 252 13.47 -23.86 4.50
CA THR B 252 13.46 -24.59 5.76
C THR B 252 14.82 -24.46 6.46
N ASP B 253 15.91 -24.60 5.71
CA ASP B 253 17.28 -24.43 6.26
C ASP B 253 17.55 -23.01 6.74
N THR B 254 16.87 -22.04 6.14
CA THR B 254 16.96 -20.64 6.57
C THR B 254 16.39 -20.46 7.97
N LEU B 255 15.29 -21.16 8.26
CA LEU B 255 14.71 -21.08 9.62
C LEU B 255 15.69 -21.64 10.66
N ALA B 256 16.34 -22.75 10.31
CA ALA B 256 17.31 -23.37 11.25
C ALA B 256 18.51 -22.44 11.44
N ARG B 257 19.01 -21.88 10.33
CA ARG B 257 20.11 -20.90 10.33
C ARG B 257 19.84 -19.73 11.26
N ASN B 258 18.56 -19.44 11.49
CA ASN B 258 18.18 -18.37 12.38
C ASN B 258 17.69 -18.87 13.74
N GLY B 259 18.11 -20.08 14.08
CA GLY B 259 18.02 -20.58 15.46
C GLY B 259 16.78 -21.38 15.78
N SER B 261 14.42 -24.60 15.88
CA SER B 261 14.56 -26.04 15.86
C SER B 261 13.61 -26.64 14.82
N VAL B 262 14.17 -27.19 13.76
CA VAL B 262 13.37 -27.78 12.68
C VAL B 262 13.19 -29.27 12.97
N GLU B 263 11.96 -29.68 13.25
CA GLU B 263 11.70 -31.06 13.67
C GLU B 263 10.67 -31.77 12.79
N PRO B 264 10.82 -33.11 12.63
CA PRO B 264 9.74 -33.87 12.02
C PRO B 264 8.46 -33.78 12.88
N LEU B 265 7.32 -34.04 12.26
CA LEU B 265 6.07 -34.01 12.96
C LEU B 265 6.06 -35.20 13.94
N PRO B 266 5.81 -34.94 15.23
CA PRO B 266 5.73 -36.02 16.24
C PRO B 266 4.62 -36.99 15.86
N PRO B 267 4.80 -38.30 16.18
CA PRO B 267 3.91 -39.37 15.66
C PRO B 267 2.45 -39.25 16.13
N GLN B 268 2.23 -38.78 17.35
CA GLN B 268 0.88 -38.64 17.86
C GLN B 268 0.15 -37.47 17.19
N LEU B 269 0.84 -36.34 17.02
CA LEU B 269 0.27 -35.17 16.34
C LEU B 269 -0.02 -35.54 14.90
N ALA B 270 0.96 -36.16 14.26
CA ALA B 270 0.79 -36.68 12.91
C ALA B 270 -0.47 -37.52 12.79
N LYS B 271 -0.68 -38.43 13.75
CA LYS B 271 -1.84 -39.32 13.78
C LYS B 271 -3.11 -38.50 13.96
N GLU B 272 -3.08 -37.58 14.92
CA GLU B 272 -4.20 -36.67 15.15
C GLU B 272 -4.48 -35.73 13.94
N LEU B 273 -3.44 -35.31 13.23
CA LEU B 273 -3.62 -34.42 12.05
C LEU B 273 -4.13 -35.18 10.83
N GLN B 274 -3.66 -36.41 10.64
CA GLN B 274 -4.20 -37.30 9.60
C GLN B 274 -5.70 -37.59 9.80
N ALA B 275 -6.14 -37.59 11.06
CA ALA B 275 -7.54 -37.82 11.42
C ALA B 275 -8.36 -36.59 11.06
N ILE B 276 -7.77 -35.42 11.32
CA ILE B 276 -8.44 -34.15 10.99
C ILE B 276 -8.61 -34.04 9.47
N GLY B 277 -7.58 -34.44 8.73
CA GLY B 277 -7.67 -34.56 7.29
C GLY B 277 -8.82 -35.45 6.83
N ALA B 278 -8.95 -36.62 7.46
CA ALA B 278 -10.04 -37.53 7.17
C ALA B 278 -11.39 -36.85 7.32
N THR B 279 -11.59 -36.16 8.46
CA THR B 279 -12.85 -35.44 8.75
C THR B 279 -13.11 -34.35 7.71
N VAL B 281 -11.82 -33.83 4.54
CA VAL B 281 -12.09 -34.31 3.17
C VAL B 281 -13.52 -34.84 3.08
N SER B 282 -13.98 -35.38 4.19
CA SER B 282 -15.35 -35.89 4.33
C SER B 282 -16.37 -34.74 4.30
N ASP B 283 -16.16 -33.74 5.17
CA ASP B 283 -16.92 -32.48 5.20
C ASP B 283 -16.93 -31.74 3.84
N TRP B 284 -15.77 -31.74 3.17
CA TRP B 284 -15.61 -31.08 1.86
C TRP B 284 -16.44 -31.80 0.80
N SER B 285 -16.32 -33.13 0.73
CA SER B 285 -17.15 -33.91 -0.19
C SER B 285 -18.64 -33.63 -0.04
N LYS B 286 -19.09 -33.44 1.20
CA LYS B 286 -20.50 -33.17 1.48
C LYS B 286 -21.01 -31.82 0.97
N LYS B 287 -20.13 -30.81 0.87
CA LYS B 287 -20.55 -29.47 0.41
C LYS B 287 -20.14 -29.17 -1.04
N ALA B 288 -19.19 -29.96 -1.53
CA ALA B 288 -18.67 -29.75 -2.87
C ALA B 288 -19.59 -30.49 -3.82
N GLY B 289 -19.44 -30.27 -5.10
CA GLY B 289 -20.54 -30.79 -5.93
C GLY B 289 -20.48 -32.26 -6.30
N ALA B 290 -21.31 -32.58 -7.29
CA ALA B 290 -20.94 -33.58 -8.26
C ALA B 290 -19.58 -33.17 -8.85
N ASP B 291 -19.36 -31.87 -9.02
CA ASP B 291 -18.08 -31.34 -9.50
C ASP B 291 -16.94 -31.69 -8.54
N GLY B 292 -17.20 -31.59 -7.24
CA GLY B 292 -16.18 -31.92 -6.26
C GLY B 292 -15.82 -33.38 -6.39
N GLN B 293 -16.86 -34.21 -6.59
CA GLN B 293 -16.66 -35.62 -6.83
C GLN B 293 -15.86 -35.90 -8.10
N GLN B 294 -16.19 -35.23 -9.22
CA GLN B 294 -15.37 -35.39 -10.45
C GLN B 294 -13.91 -34.97 -10.22
N LEU B 295 -13.70 -33.91 -9.44
CA LEU B 295 -12.37 -33.42 -9.11
C LEU B 295 -11.57 -34.51 -8.40
N LEU B 296 -12.16 -35.05 -7.34
CA LEU B 296 -11.50 -36.09 -6.54
C LEU B 296 -11.22 -37.36 -7.33
N ASP B 297 -12.15 -37.76 -8.20
CA ASP B 297 -11.98 -38.91 -9.10
C ASP B 297 -10.83 -38.70 -10.06
N ALA B 298 -10.71 -37.50 -10.61
CA ALA B 298 -9.57 -37.17 -11.50
C ALA B 298 -8.27 -37.21 -10.73
N TYR B 299 -8.29 -36.71 -9.49
CA TYR B 299 -7.10 -36.77 -8.65
C TYR B 299 -6.71 -38.23 -8.38
N ARG B 300 -7.74 -39.04 -8.15
CA ARG B 300 -7.58 -40.47 -7.85
C ARG B 300 -7.32 -41.33 -9.09
N LYS B 301 -7.69 -40.84 -10.27
CA LYS B 301 -7.58 -41.60 -11.52
C LYS B 301 -6.22 -42.28 -11.69
N ALA C 1 16.80 0.87 -19.85
CA ALA C 1 15.34 1.07 -19.59
C ALA C 1 15.13 1.11 -18.07
N THR C 2 15.42 2.27 -17.49
CA THR C 2 15.43 2.45 -16.05
C THR C 2 14.02 2.54 -15.48
N SER C 3 13.78 1.79 -14.40
CA SER C 3 12.54 1.91 -13.63
C SER C 3 12.85 2.53 -12.29
N TRP C 4 12.02 3.50 -11.93
CA TRP C 4 12.00 4.08 -10.62
C TRP C 4 10.65 3.81 -9.94
N THR C 5 10.72 3.62 -8.64
CA THR C 5 9.52 3.60 -7.79
C THR C 5 9.31 4.97 -7.11
N THR C 7 6.73 7.05 -4.36
CA THR C 7 5.66 7.13 -3.40
C THR C 7 4.90 8.45 -3.59
N ALA C 8 3.58 8.38 -3.54
CA ALA C 8 2.77 9.59 -3.48
C ALA C 8 1.87 9.47 -2.26
N GLU C 9 1.61 10.61 -1.62
CA GLU C 9 0.94 10.70 -0.34
C GLU C 9 -0.56 10.42 -0.31
N GLN C 10 -1.25 10.89 -1.34
CA GLN C 10 -2.70 11.04 -1.30
C GLN C 10 -3.38 10.11 -2.27
N PRO C 11 -4.70 9.93 -2.11
CA PRO C 11 -5.48 9.06 -3.00
C PRO C 11 -5.41 9.51 -4.44
N ASP C 12 -5.69 8.61 -5.37
CA ASP C 12 -5.49 8.92 -6.78
C ASP C 12 -6.31 10.11 -7.33
N ALA C 13 -7.51 10.36 -6.81
CA ALA C 13 -8.30 11.49 -7.34
C ALA C 13 -7.89 12.88 -6.81
N ASN C 14 -7.05 12.90 -5.77
CA ASN C 14 -6.52 14.15 -5.25
C ASN C 14 -5.70 14.79 -6.38
N TYR C 15 -5.85 16.09 -6.60
CA TYR C 15 -5.16 16.72 -7.72
C TYR C 15 -3.63 16.66 -7.69
N LEU C 16 -3.04 16.62 -6.49
CA LEU C 16 -1.60 16.46 -6.36
C LEU C 16 -1.10 15.11 -6.86
N THR C 17 -1.85 14.04 -6.55
CA THR C 17 -1.51 12.71 -7.07
C THR C 17 -1.65 12.66 -8.58
N GLN C 18 -2.76 13.23 -9.09
CA GLN C 18 -2.97 13.28 -10.51
C GLN C 18 -1.82 14.03 -11.21
N ASN C 19 -1.38 15.14 -10.64
CA ASN C 19 -0.24 15.92 -11.17
C ASN C 19 1.06 15.09 -11.17
N ALA C 20 1.32 14.37 -10.07
CA ALA C 20 2.45 13.44 -10.04
C ALA C 20 2.39 12.31 -11.07
N ARG C 21 1.19 11.72 -11.28
CA ARG C 21 1.02 10.73 -12.35
C ARG C 21 1.28 11.34 -13.74
N GLN C 22 0.81 12.55 -13.97
CA GLN C 22 1.02 13.19 -15.26
C GLN C 22 2.51 13.48 -15.46
N PHE C 23 3.16 13.92 -14.39
CA PHE C 23 4.62 14.09 -14.38
C PHE C 23 5.31 12.78 -14.77
N ALA C 24 4.98 11.67 -14.09
CA ALA C 24 5.58 10.39 -14.45
C ALA C 24 5.34 10.06 -15.93
N ASP C 25 4.12 10.28 -16.42
CA ASP C 25 3.76 9.98 -17.82
C ASP C 25 4.59 10.84 -18.76
N GLU C 26 4.73 12.11 -18.42
CA GLU C 26 5.50 13.07 -19.23
C GLU C 26 7.00 12.76 -19.25
N VAL C 27 7.56 12.32 -18.11
CA VAL C 27 8.93 11.83 -18.09
C VAL C 27 9.11 10.66 -19.06
N LYS C 28 8.18 9.72 -19.04
CA LYS C 28 8.27 8.52 -19.91
C LYS C 28 8.19 8.85 -21.38
N ALA C 29 7.31 9.78 -21.74
CA ALA C 29 7.12 10.18 -23.14
C ALA C 29 8.34 10.95 -23.65
N ALA C 30 8.77 11.93 -22.86
CA ALA C 30 9.93 12.76 -23.19
C ALA C 30 11.21 11.95 -23.37
N THR C 31 11.38 10.89 -22.59
CA THR C 31 12.58 10.04 -22.68
C THR C 31 12.38 8.87 -23.62
N ALA C 32 11.23 8.82 -24.30
CA ALA C 32 10.88 7.67 -25.14
C ALA C 32 11.02 6.33 -24.39
N GLY C 33 10.57 6.30 -23.14
CA GLY C 33 10.55 5.08 -22.34
C GLY C 33 11.85 4.69 -21.66
N ALA C 34 12.85 5.58 -21.71
CA ALA C 34 14.16 5.32 -21.08
C ALA C 34 14.07 5.37 -19.56
N LEU C 35 13.32 6.33 -19.04
CA LEU C 35 12.98 6.35 -17.62
C LEU C 35 11.47 6.13 -17.45
N GLU C 36 11.10 5.10 -16.67
CA GLU C 36 9.72 4.88 -16.27
C GLU C 36 9.59 5.06 -14.77
N ILE C 37 8.70 5.95 -14.36
CA ILE C 37 8.45 6.14 -12.96
C ILE C 37 7.11 5.48 -12.67
N LYS C 38 7.12 4.54 -11.74
CA LYS C 38 5.89 3.86 -11.30
C LYS C 38 5.38 4.45 -10.00
N VAL C 39 4.20 5.05 -10.09
CA VAL C 39 3.62 5.72 -8.92
C VAL C 39 2.83 4.75 -8.05
N GLN C 40 3.12 4.75 -6.74
CA GLN C 40 2.32 4.04 -5.74
C GLN C 40 1.78 5.03 -4.72
N SER C 41 0.47 5.25 -4.74
CA SER C 41 -0.09 6.41 -4.04
C SER C 41 -0.72 6.09 -2.69
N ASN C 42 -1.43 7.09 -2.15
CA ASN C 42 -2.13 6.99 -0.86
C ASN C 42 -1.25 6.53 0.34
N SER C 43 0.04 6.85 0.30
CA SER C 43 0.98 6.53 1.41
C SER C 43 1.11 5.02 1.71
N THR C 44 0.95 4.19 0.70
CA THR C 44 0.95 2.72 0.93
C THR C 44 2.35 2.12 1.00
N LEU C 45 3.32 2.83 0.43
CA LEU C 45 4.69 2.39 0.35
C LEU C 45 5.49 3.00 1.52
N LEU C 46 5.31 4.31 1.71
CA LEU C 46 5.92 5.05 2.81
C LEU C 46 4.91 6.05 3.32
N LYS C 47 4.92 6.26 4.62
CA LYS C 47 4.02 7.21 5.29
C LYS C 47 4.65 8.59 5.27
N ARG C 48 3.84 9.62 5.44
CA ARG C 48 4.35 11.00 5.40
C ARG C 48 5.64 11.20 6.23
N PRO C 49 5.65 10.78 7.52
CA PRO C 49 6.90 10.94 8.30
C PRO C 49 8.09 10.12 7.75
N GLU C 50 7.82 9.14 6.89
CA GLU C 50 8.84 8.21 6.39
C GLU C 50 9.44 8.54 5.02
N VAL C 51 8.79 9.40 4.24
CA VAL C 51 9.16 9.64 2.81
C VAL C 51 10.60 10.19 2.61
N LYS C 52 10.93 11.27 3.30
CA LYS C 52 12.28 11.87 3.16
C LYS C 52 13.39 10.85 3.40
N ARG C 53 13.31 10.14 4.53
CA ARG C 53 14.29 9.08 4.85
C ARG C 53 14.25 7.98 3.77
N GLY C 54 13.05 7.56 3.36
CA GLY C 54 12.91 6.63 2.25
C GLY C 54 13.61 7.06 0.98
N VAL C 55 13.39 8.30 0.57
CA VAL C 55 13.98 8.82 -0.64
C VAL C 55 15.51 8.96 -0.48
N GLN C 56 15.91 9.37 0.72
CA GLN C 56 17.34 9.54 1.05
C GLN C 56 18.07 8.20 0.92
N GLN C 57 17.52 7.18 1.55
CA GLN C 57 18.13 5.87 1.49
C GLN C 57 18.07 5.18 0.14
N GLY C 58 16.99 5.45 -0.63
CA GLY C 58 16.88 4.88 -1.96
C GLY C 58 15.98 3.66 -1.96
N VAL C 59 15.21 3.51 -0.90
CA VAL C 59 14.13 2.55 -0.83
C VAL C 59 13.07 2.84 -1.95
N VAL C 60 12.86 4.13 -2.23
CA VAL C 60 12.20 4.64 -3.44
C VAL C 60 13.17 5.65 -4.05
N GLN C 61 13.15 5.81 -5.36
CA GLN C 61 14.03 6.77 -6.02
C GLN C 61 13.46 8.19 -6.00
N ILE C 62 12.17 8.28 -5.73
CA ILE C 62 11.47 9.56 -5.86
C ILE C 62 10.20 9.51 -5.02
N GLY C 63 9.78 10.63 -4.49
CA GLY C 63 8.63 10.63 -3.59
C GLY C 63 8.05 11.99 -3.41
N GLU C 64 6.74 12.01 -3.21
CA GLU C 64 6.01 13.22 -2.95
C GLU C 64 5.68 13.24 -1.47
N VAL C 65 5.85 14.39 -0.84
CA VAL C 65 5.57 14.57 0.59
C VAL C 65 5.24 16.03 0.87
N LEU C 66 4.52 16.27 1.97
CA LEU C 66 4.29 17.59 2.50
C LEU C 66 5.66 18.19 2.89
N VAL C 67 5.96 19.40 2.44
CA VAL C 67 7.24 20.06 2.78
C VAL C 67 7.42 20.16 4.29
N SER C 68 6.41 20.71 4.98
CA SER C 68 6.43 20.84 6.42
C SER C 68 6.52 19.53 7.24
N ALA C 69 6.54 18.38 6.57
CA ALA C 69 6.81 17.11 7.27
C ALA C 69 8.26 17.07 7.73
N LEU C 70 9.10 17.90 7.12
CA LEU C 70 10.53 17.98 7.43
C LEU C 70 10.85 19.07 8.47
N GLY C 71 9.83 19.80 8.91
CA GLY C 71 10.03 21.04 9.68
C GLY C 71 10.56 20.91 11.10
N ASN C 72 10.40 19.74 11.70
CA ASN C 72 10.95 19.51 13.04
C ASN C 72 12.45 19.28 12.98
N GLU C 73 12.95 18.88 11.81
CA GLU C 73 14.39 18.66 11.63
C GLU C 73 15.02 19.96 11.17
N ASP C 74 14.38 20.62 10.21
CA ASP C 74 14.84 21.92 9.73
C ASP C 74 13.68 22.90 9.58
N PRO C 75 13.67 23.96 10.44
CA PRO C 75 12.63 25.00 10.52
C PRO C 75 12.20 25.64 9.21
N LEU C 76 13.10 25.69 8.23
CA LEU C 76 12.82 26.33 6.94
C LEU C 76 11.75 25.58 6.13
N PHE C 77 11.59 24.30 6.43
CA PHE C 77 10.60 23.45 5.75
C PHE C 77 9.16 23.62 6.27
N GLU C 78 8.99 24.43 7.32
CA GLU C 78 7.67 24.70 7.89
C GLU C 78 7.23 26.18 7.88
N ILE C 79 7.84 26.99 7.02
CA ILE C 79 7.47 28.40 6.87
C ILE C 79 6.10 28.58 6.19
N ASP C 80 5.75 27.65 5.30
CA ASP C 80 4.46 27.70 4.61
C ASP C 80 3.29 27.42 5.53
N SER C 81 3.59 27.10 6.79
CA SER C 81 2.55 26.71 7.73
C SER C 81 2.28 27.72 8.83
N VAL C 82 2.97 28.86 8.77
CA VAL C 82 2.76 29.96 9.71
C VAL C 82 1.44 30.63 9.38
N PRO C 83 0.47 30.60 10.31
CA PRO C 83 -0.86 31.13 10.05
C PRO C 83 -0.84 32.62 9.71
N PHE C 84 -1.42 32.95 8.56
CA PHE C 84 -1.65 34.30 8.05
C PHE C 84 -0.40 35.05 7.52
N LEU C 85 0.74 34.37 7.49
CA LEU C 85 1.95 34.92 6.87
C LEU C 85 1.83 35.06 5.35
N ALA C 86 1.29 34.02 4.71
CA ALA C 86 1.01 34.04 3.28
C ALA C 86 -0.30 33.29 2.98
N SER C 87 -1.42 33.91 3.38
CA SER C 87 -2.76 33.31 3.31
C SER C 87 -3.47 33.39 1.96
N SER C 88 -2.77 33.86 0.94
CA SER C 88 -3.33 33.97 -0.40
C SER C 88 -2.39 33.27 -1.37
N PHE C 89 -2.88 32.83 -2.53
CA PHE C 89 -2.01 32.17 -3.50
C PHE C 89 -0.87 33.09 -3.98
N ASN C 90 -1.18 34.38 -4.20
CA ASN C 90 -0.14 35.35 -4.59
C ASN C 90 0.95 35.50 -3.54
N GLU C 91 0.59 35.67 -2.27
CA GLU C 91 1.59 35.72 -1.21
C GLU C 91 2.34 34.38 -1.07
N SER C 92 1.60 33.26 -1.12
CA SER C 92 2.20 31.94 -1.01
C SER C 92 3.20 31.71 -2.12
N GLU C 93 2.88 32.16 -3.33
CA GLU C 93 3.77 32.00 -4.47
C GLU C 93 5.09 32.78 -4.30
N LYS C 94 4.99 33.98 -3.73
CA LYS C 94 6.16 34.83 -3.51
C LYS C 94 7.02 34.22 -2.41
N LEU C 95 6.36 33.74 -1.35
CA LEU C 95 7.00 32.99 -0.28
C LEU C 95 7.70 31.74 -0.81
N TRP C 96 7.01 30.96 -1.64
CA TRP C 96 7.61 29.77 -2.26
C TRP C 96 8.80 30.15 -3.16
N LYS C 97 8.64 31.23 -3.93
CA LYS C 97 9.66 31.70 -4.87
C LYS C 97 10.99 31.95 -4.15
N ALA C 98 10.89 32.28 -2.87
CA ALA C 98 12.04 32.60 -2.04
C ALA C 98 12.48 31.46 -1.10
N THR C 99 11.53 30.63 -0.66
CA THR C 99 11.84 29.49 0.21
C THR C 99 12.57 28.41 -0.62
N ARG C 100 12.10 28.24 -1.85
CA ARG C 100 12.52 27.17 -2.73
C ARG C 100 14.03 26.91 -2.74
N PRO C 101 14.84 27.95 -3.13
CA PRO C 101 16.29 27.71 -3.29
C PRO C 101 16.96 27.28 -1.99
N LEU C 102 16.49 27.81 -0.87
CA LEU C 102 16.98 27.42 0.44
C LEU C 102 16.68 25.96 0.78
N LEU C 103 15.52 25.47 0.34
CA LEU C 103 15.14 24.08 0.54
C LEU C 103 15.96 23.20 -0.40
N ALA C 104 16.05 23.60 -1.66
CA ALA C 104 16.85 22.88 -2.63
C ALA C 104 18.28 22.62 -2.12
N GLN C 105 18.88 23.64 -1.50
CA GLN C 105 20.21 23.51 -0.93
C GLN C 105 20.23 22.60 0.30
N ARG C 106 19.32 22.82 1.25
CA ARG C 106 19.23 21.94 2.42
C ARG C 106 19.15 20.46 2.03
N LEU C 107 18.43 20.17 0.95
CA LEU C 107 18.20 18.79 0.49
C LEU C 107 19.39 18.21 -0.24
N ASP C 108 19.96 18.99 -1.16
CA ASP C 108 21.18 18.59 -1.86
C ASP C 108 22.28 18.09 -0.88
N LYS C 109 22.38 18.73 0.29
CA LYS C 109 23.41 18.36 1.28
C LYS C 109 23.07 17.06 2.03
N GLN C 110 21.81 16.66 1.94
CA GLN C 110 21.32 15.45 2.57
C GLN C 110 21.27 14.30 1.54
N GLY C 111 21.67 14.62 0.30
CA GLY C 111 21.67 13.68 -0.81
C GLY C 111 20.26 13.49 -1.38
N ILE C 112 19.49 14.55 -1.36
CA ILE C 112 18.15 14.55 -1.97
C ILE C 112 18.04 15.68 -2.99
N VAL C 113 17.46 15.40 -4.16
CA VAL C 113 17.18 16.43 -5.18
C VAL C 113 15.72 16.91 -5.19
N LEU C 114 15.48 18.20 -4.96
CA LEU C 114 14.15 18.77 -5.12
C LEU C 114 13.77 18.93 -6.60
N VAL C 115 12.68 18.25 -7.02
CA VAL C 115 12.29 18.20 -8.44
C VAL C 115 11.18 19.21 -8.76
N TYR C 116 10.11 19.23 -7.96
CA TYR C 116 9.06 20.23 -8.09
C TYR C 116 8.19 20.38 -6.84
N GLY C 117 7.45 21.49 -6.80
CA GLY C 117 6.55 21.81 -5.72
C GLY C 117 5.16 22.10 -6.28
N SER C 118 4.15 21.94 -5.42
CA SER C 118 2.77 22.31 -5.70
C SER C 118 2.02 22.57 -4.41
N PRO C 119 1.17 23.58 -4.39
CA PRO C 119 0.45 23.91 -3.18
C PRO C 119 -0.82 23.09 -2.94
N TRP C 120 -1.08 22.78 -1.68
CA TRP C 120 -2.43 22.44 -1.23
C TRP C 120 -3.26 23.71 -1.29
N PRO C 121 -4.62 23.56 -1.31
CA PRO C 121 -5.48 24.74 -1.14
C PRO C 121 -5.32 25.33 0.29
N PRO C 122 -5.80 26.57 0.49
CA PRO C 122 -5.70 27.18 1.82
C PRO C 122 -6.38 26.32 2.87
N GLN C 123 -5.92 26.38 4.11
CA GLN C 123 -6.39 25.52 5.20
C GLN C 123 -7.59 26.04 5.98
N GLY C 124 -8.64 25.24 6.08
CA GLY C 124 -9.83 25.65 6.81
C GLY C 124 -10.02 24.80 8.03
N ILE C 125 -11.07 25.08 8.78
CA ILE C 125 -11.32 24.42 10.05
C ILE C 125 -12.66 23.68 10.00
N TYR C 126 -12.62 22.39 10.38
CA TYR C 126 -13.80 21.53 10.29
C TYR C 126 -14.26 21.17 11.70
N THR C 127 -15.53 21.36 12.00
CA THR C 127 -16.07 21.09 13.33
C THR C 127 -17.45 20.44 13.24
N LYS C 128 -17.84 19.73 14.31
CA LYS C 128 -19.18 19.13 14.45
C LYS C 128 -20.25 20.12 14.90
N LYS C 129 -19.85 21.08 15.74
CA LYS C 129 -20.77 22.10 16.23
C LYS C 129 -20.23 23.49 15.91
N PRO C 130 -21.09 24.53 15.94
CA PRO C 130 -20.61 25.88 15.61
C PRO C 130 -19.47 26.38 16.51
N VAL C 131 -18.62 27.22 15.95
CA VAL C 131 -17.41 27.70 16.61
C VAL C 131 -17.26 29.20 16.39
N ALA C 132 -17.02 29.93 17.49
CA ALA C 132 -16.91 31.39 17.45
C ALA C 132 -15.55 31.87 17.92
N ALA C 133 -14.98 31.15 18.87
CA ALA C 133 -13.74 31.55 19.52
C ALA C 133 -12.99 30.34 20.07
N LEU C 134 -11.68 30.50 20.29
CA LEU C 134 -10.84 29.43 20.84
C LEU C 134 -11.49 28.72 22.03
N ALA C 135 -12.21 29.48 22.85
CA ALA C 135 -12.92 28.92 24.01
C ALA C 135 -13.86 27.78 23.62
N ASP C 136 -14.40 27.84 22.40
CA ASP C 136 -15.28 26.79 21.91
C ASP C 136 -14.51 25.53 21.53
N LEU C 137 -13.23 25.71 21.24
CA LEU C 137 -12.34 24.60 20.90
C LEU C 137 -11.45 24.17 22.06
N LYS C 138 -11.89 24.44 23.29
CA LYS C 138 -11.12 24.14 24.51
C LYS C 138 -11.25 22.66 24.91
N GLY C 139 -10.11 21.98 24.99
CA GLY C 139 -10.09 20.57 25.40
C GLY C 139 -10.46 19.57 24.30
N THR C 140 -10.84 20.08 23.13
CA THR C 140 -11.25 19.28 21.99
C THR C 140 -10.07 18.51 21.37
N ARG C 141 -10.29 17.26 21.00
CA ARG C 141 -9.28 16.49 20.26
C ARG C 141 -9.21 17.01 18.82
N PHE C 142 -8.10 17.70 18.51
CA PHE C 142 -7.96 18.45 17.27
C PHE C 142 -6.81 17.85 16.46
N ARG C 143 -7.09 17.55 15.20
CA ARG C 143 -6.11 16.86 14.37
C ARG C 143 -4.94 17.74 14.02
N ALA C 144 -3.76 17.19 14.24
CA ALA C 144 -2.54 17.77 13.74
C ALA C 144 -1.95 16.81 12.71
N TYR C 145 -1.22 17.35 11.73
CA TYR C 145 -0.62 16.50 10.70
C TYR C 145 0.84 16.80 10.46
N SER C 146 1.37 17.74 11.23
CA SER C 146 2.76 18.16 11.11
C SER C 146 3.22 18.75 12.46
N ALA C 147 4.53 18.95 12.58
CA ALA C 147 5.13 19.62 13.75
C ALA C 147 4.41 20.94 13.97
N SER C 148 4.40 21.78 12.94
CA SER C 148 3.75 23.06 12.98
C SER C 148 2.28 23.05 13.39
N THR C 149 1.47 22.16 12.83
CA THR C 149 0.05 22.11 13.17
C THR C 149 -0.19 21.56 14.59
N SER C 150 0.75 20.76 15.09
CA SER C 150 0.71 20.29 16.47
C SER C 150 0.88 21.47 17.44
N HIS C 151 1.89 22.30 17.17
CA HIS C 151 2.16 23.51 17.93
C HIS C 151 0.97 24.47 17.87
N ALA C 153 -2.16 23.93 17.27
CA ALA C 153 -3.33 23.45 17.98
C ALA C 153 -3.19 23.59 19.48
N ALA C 154 -1.96 23.45 19.99
CA ALA C 154 -1.69 23.65 21.42
C ALA C 154 -1.84 25.15 21.76
N LEU C 155 -1.20 26.00 20.97
CA LEU C 155 -1.39 27.45 21.07
C LEU C 155 -2.86 27.86 20.95
N GLY C 157 -5.14 26.18 22.36
CA GLY C 157 -5.75 25.72 23.61
C GLY C 157 -6.46 24.40 23.47
N ALA C 158 -6.10 23.65 22.42
CA ALA C 158 -6.72 22.35 22.12
C ALA C 158 -5.74 21.20 22.36
N VAL C 159 -6.26 19.97 22.37
CA VAL C 159 -5.43 18.78 22.49
C VAL C 159 -4.99 18.31 21.09
N PRO C 160 -3.71 18.60 20.72
CA PRO C 160 -3.24 18.20 19.38
C PRO C 160 -3.14 16.70 19.29
N THR C 161 -3.72 16.14 18.23
CA THR C 161 -3.70 14.70 18.02
C THR C 161 -3.29 14.38 16.57
N THR C 162 -2.09 13.83 16.41
CA THR C 162 -1.55 13.52 15.09
C THR C 162 -2.31 12.36 14.46
N VAL C 163 -2.78 12.60 13.23
CA VAL C 163 -3.45 11.59 12.41
C VAL C 163 -3.02 11.85 10.97
N GLN C 164 -2.37 10.88 10.34
CA GLN C 164 -1.96 11.04 8.94
C GLN C 164 -3.19 10.99 8.04
N THR C 165 -3.13 11.55 6.85
CA THR C 165 -4.36 11.72 6.04
C THR C 165 -5.19 10.43 5.80
N PRO C 166 -4.55 9.27 5.48
CA PRO C 166 -5.35 8.07 5.17
C PRO C 166 -6.18 7.59 6.34
N GLU C 167 -5.80 8.01 7.54
CA GLU C 167 -6.46 7.54 8.76
C GLU C 167 -7.52 8.49 9.34
N VAL C 168 -7.85 9.56 8.63
CA VAL C 168 -8.80 10.58 9.12
C VAL C 168 -10.20 9.99 9.38
N PRO C 169 -10.82 9.35 8.37
CA PRO C 169 -12.15 8.83 8.66
C PRO C 169 -12.19 7.89 9.87
N GLN C 170 -11.21 6.98 9.98
CA GLN C 170 -11.14 6.05 11.10
C GLN C 170 -10.96 6.81 12.43
N ALA C 171 -10.06 7.79 12.43
CA ALA C 171 -9.83 8.61 13.62
C ALA C 171 -11.08 9.39 14.08
N PHE C 172 -11.88 9.89 13.13
CA PHE C 172 -13.18 10.50 13.47
C PHE C 172 -14.17 9.47 13.97
N SER C 173 -14.16 8.28 13.36
CA SER C 173 -15.11 7.22 13.64
C SER C 173 -14.98 6.69 15.07
N THR C 174 -13.76 6.71 15.59
CA THR C 174 -13.46 6.13 16.91
C THR C 174 -13.30 7.18 18.03
N GLY C 175 -13.48 8.46 17.72
CA GLY C 175 -13.38 9.52 18.73
C GLY C 175 -11.97 10.01 19.04
N VAL C 176 -11.00 9.62 18.21
CA VAL C 176 -9.62 10.07 18.37
C VAL C 176 -9.50 11.58 18.10
N ILE C 177 -10.19 12.06 17.06
CA ILE C 177 -10.28 13.49 16.77
C ILE C 177 -11.74 13.90 16.68
N ASP C 178 -12.05 15.15 17.02
CA ASP C 178 -13.41 15.66 16.95
C ASP C 178 -13.50 16.87 16.03
N ALA C 179 -12.34 17.32 15.55
CA ALA C 179 -12.24 18.50 14.73
C ALA C 179 -10.90 18.50 14.03
N LEU C 181 -8.06 20.77 10.97
CA LEU C 181 -7.71 21.79 10.00
C LEU C 181 -6.95 21.20 8.81
N THR C 182 -7.49 21.47 7.63
CA THR C 182 -6.96 20.98 6.36
C THR C 182 -7.71 21.68 5.23
N SER C 183 -7.33 21.37 4.00
CA SER C 183 -7.93 21.97 2.82
C SER C 183 -9.28 21.31 2.49
N PRO C 184 -10.08 21.97 1.62
CA PRO C 184 -11.25 21.27 1.02
C PRO C 184 -10.83 20.04 0.16
N ALA C 185 -9.60 20.01 -0.37
CA ALA C 185 -9.16 18.82 -1.11
C ALA C 185 -9.24 17.56 -0.23
N THR C 186 -8.75 17.66 1.00
CA THR C 186 -8.75 16.56 1.95
C THR C 186 -10.17 16.28 2.50
N GLY C 187 -10.96 17.33 2.64
CA GLY C 187 -12.38 17.16 3.02
C GLY C 187 -13.12 16.24 2.05
N VAL C 188 -12.90 16.48 0.76
CA VAL C 188 -13.50 15.66 -0.29
C VAL C 188 -12.91 14.22 -0.28
N ASP C 189 -11.57 14.10 -0.25
CA ASP C 189 -10.92 12.78 -0.25
C ASP C 189 -11.43 11.87 0.86
N SER C 190 -11.70 12.48 2.01
CA SER C 190 -12.03 11.75 3.22
C SER C 190 -13.54 11.70 3.46
N GLN C 191 -14.32 12.31 2.56
CA GLN C 191 -15.76 12.40 2.72
C GLN C 191 -16.07 12.97 4.11
N ALA C 192 -15.42 14.08 4.43
CA ALA C 192 -15.42 14.68 5.78
C ALA C 192 -16.82 14.94 6.31
N TRP C 193 -17.72 15.31 5.40
CA TRP C 193 -19.14 15.53 5.69
C TRP C 193 -19.83 14.38 6.38
N ASP C 194 -19.19 13.20 6.45
CA ASP C 194 -19.72 12.07 7.23
C ASP C 194 -19.59 12.28 8.74
N TYR C 195 -18.67 13.14 9.14
CA TYR C 195 -18.32 13.30 10.56
C TYR C 195 -18.44 14.73 11.10
N VAL C 196 -18.18 15.71 10.23
CA VAL C 196 -18.27 17.12 10.63
C VAL C 196 -19.31 17.88 9.79
N LYS C 197 -19.87 18.95 10.35
CA LYS C 197 -20.92 19.69 9.67
C LYS C 197 -20.48 21.07 9.23
N TYR C 198 -19.51 21.66 9.94
CA TYR C 198 -19.13 23.06 9.72
C TYR C 198 -17.74 23.16 9.12
N TYR C 199 -17.64 23.94 8.05
CA TYR C 199 -16.32 24.26 7.51
C TYR C 199 -16.12 25.76 7.57
N TYR C 200 -15.11 26.17 8.34
CA TYR C 200 -14.69 27.58 8.43
C TYR C 200 -13.52 27.85 7.49
N ASP C 201 -13.77 28.75 6.55
CA ASP C 201 -12.85 29.01 5.46
C ASP C 201 -11.72 29.93 5.96
N ALA C 202 -10.95 29.40 6.90
CA ALA C 202 -9.95 30.15 7.64
C ALA C 202 -8.83 30.69 6.75
N GLN C 203 -8.52 29.96 5.68
CA GLN C 203 -7.38 30.26 4.80
C GLN C 203 -6.14 30.60 5.64
N ALA C 204 -5.93 29.80 6.68
CA ALA C 204 -4.89 30.02 7.70
C ALA C 204 -3.48 30.00 7.12
N PHE C 205 -3.23 29.07 6.21
CA PHE C 205 -1.97 28.96 5.47
C PHE C 205 -2.14 28.11 4.20
N ILE C 206 -1.10 28.08 3.37
CA ILE C 206 -1.11 27.35 2.10
C ILE C 206 0.10 26.40 2.06
N PRO C 207 -0.08 25.18 2.62
CA PRO C 207 1.10 24.32 2.73
C PRO C 207 1.53 23.73 1.41
N GLN C 208 2.83 23.60 1.20
CA GLN C 208 3.34 23.09 -0.06
C GLN C 208 3.56 21.58 0.03
N SER C 209 3.43 20.95 -1.12
CA SER C 209 3.79 19.55 -1.28
C SER C 209 4.95 19.55 -2.26
N PHE C 210 5.95 18.69 -2.05
CA PHE C 210 7.00 18.54 -3.06
C PHE C 210 7.46 17.13 -3.40
N VAL C 211 8.09 17.05 -4.55
CA VAL C 211 8.55 15.83 -5.15
C VAL C 211 10.07 15.92 -5.08
N ILE C 212 10.66 14.98 -4.33
CA ILE C 212 12.08 14.95 -4.04
C ILE C 212 12.64 13.62 -4.53
N ALA C 213 13.83 13.66 -5.14
CA ALA C 213 14.49 12.49 -5.70
C ALA C 213 15.80 12.16 -4.96
N ASN C 214 16.16 10.88 -4.99
CA ASN C 214 17.44 10.39 -4.53
C ASN C 214 18.54 10.87 -5.49
N LYS C 215 19.50 11.62 -4.96
CA LYS C 215 20.51 12.29 -5.79
C LYS C 215 21.36 11.30 -6.59
N ARG C 216 21.80 10.25 -5.92
CA ARG C 216 22.57 9.17 -6.54
C ARG C 216 21.84 8.56 -7.75
N ALA C 217 20.57 8.15 -7.55
CA ALA C 217 19.73 7.65 -8.63
C ALA C 217 19.63 8.68 -9.75
N PHE C 218 19.37 9.93 -9.36
CA PHE C 218 19.29 11.03 -10.31
C PHE C 218 20.56 11.17 -11.15
N GLN C 219 21.72 11.15 -10.49
CA GLN C 219 22.99 11.36 -11.19
C GLN C 219 23.43 10.19 -12.09
N ARG C 220 22.85 8.99 -11.90
CA ARG C 220 23.14 7.85 -12.79
C ARG C 220 22.42 7.92 -14.13
N LEU C 221 21.39 8.76 -14.21
CA LEU C 221 20.62 8.90 -15.44
C LEU C 221 21.48 9.61 -16.48
N PRO C 222 21.35 9.24 -17.77
CA PRO C 222 21.96 10.05 -18.83
C PRO C 222 21.57 11.52 -18.68
N ALA C 223 22.48 12.41 -19.07
CA ALA C 223 22.28 13.86 -18.89
C ALA C 223 20.98 14.40 -19.52
N GLU C 224 20.63 13.88 -20.69
CA GLU C 224 19.40 14.30 -21.39
C GLU C 224 18.15 13.79 -20.68
N VAL C 225 18.31 12.71 -19.92
CA VAL C 225 17.23 12.16 -19.10
C VAL C 225 17.04 13.05 -17.87
N ARG C 226 18.15 13.43 -17.22
CA ARG C 226 18.10 14.29 -16.02
C ARG C 226 17.41 15.61 -16.27
N GLN C 227 17.67 16.19 -17.44
CA GLN C 227 17.09 17.48 -17.82
C GLN C 227 15.61 17.32 -18.14
N ALA C 228 15.26 16.24 -18.85
CA ALA C 228 13.85 15.83 -19.07
C ALA C 228 13.05 15.69 -17.76
N VAL C 229 13.64 15.05 -16.75
CA VAL C 229 13.06 14.96 -15.40
C VAL C 229 12.84 16.37 -14.84
N LEU C 230 13.85 17.23 -14.98
CA LEU C 230 13.78 18.57 -14.42
C LEU C 230 12.77 19.41 -15.18
N ASP C 231 12.71 19.20 -16.49
CA ASP C 231 11.77 19.95 -17.35
C ASP C 231 10.33 19.50 -17.12
N ALA C 232 10.14 18.19 -16.94
CA ALA C 232 8.84 17.64 -16.55
C ALA C 232 8.40 18.23 -15.20
N GLY C 233 9.35 18.33 -14.27
CA GLY C 233 9.13 18.94 -12.95
C GLY C 233 8.66 20.38 -12.97
N ALA C 234 9.32 21.20 -13.80
CA ALA C 234 8.96 22.60 -13.97
C ALA C 234 7.50 22.74 -14.46
N LYS C 235 7.13 21.95 -15.47
CA LYS C 235 5.76 21.94 -16.00
C LYS C 235 4.72 21.51 -14.98
N ALA C 236 5.06 20.51 -14.16
CA ALA C 236 4.20 20.02 -13.08
C ALA C 236 4.03 21.07 -11.98
N GLU C 237 5.09 21.83 -11.73
CA GLU C 237 5.06 22.94 -10.77
C GLU C 237 4.07 23.99 -11.23
N ILE C 238 4.14 24.32 -12.51
CA ILE C 238 3.28 25.35 -13.10
C ILE C 238 1.85 24.80 -13.08
N ARG C 239 1.69 23.54 -13.49
CA ARG C 239 0.36 22.89 -13.51
C ARG C 239 -0.26 22.82 -12.10
N GLY C 240 0.55 22.47 -11.12
CA GLY C 240 0.08 22.36 -9.75
C GLY C 240 -0.41 23.66 -9.18
N TRP C 241 0.35 24.75 -9.41
CA TRP C 241 -0.07 26.08 -8.95
C TRP C 241 -1.35 26.55 -9.63
N GLN C 242 -1.41 26.32 -10.94
CA GLN C 242 -2.60 26.68 -11.70
C GLN C 242 -3.84 25.89 -11.24
N THR C 243 -3.65 24.60 -10.96
CA THR C 243 -4.78 23.72 -10.55
C THR C 243 -5.31 24.14 -9.21
N ALA C 244 -4.39 24.31 -8.25
CA ALA C 244 -4.73 24.75 -6.90
C ALA C 244 -5.54 26.06 -6.93
N ARG C 245 -5.08 26.99 -7.77
CA ARG C 245 -5.77 28.29 -7.93
C ARG C 245 -7.19 28.11 -8.44
N ALA C 246 -7.35 27.28 -9.47
CA ALA C 246 -8.65 27.03 -10.12
C ALA C 246 -9.62 26.21 -9.26
N LYS C 247 -9.08 25.15 -8.64
CA LYS C 247 -9.89 24.11 -7.98
C LYS C 247 -10.34 24.42 -6.54
N THR C 248 -9.63 25.33 -5.88
CA THR C 248 -9.92 25.67 -4.49
C THR C 248 -11.40 25.99 -4.23
N ARG C 249 -12.01 26.83 -5.09
CA ARG C 249 -13.39 27.23 -4.83
C ARG C 249 -14.32 26.10 -5.22
N GLU C 250 -13.94 25.35 -6.25
CA GLU C 250 -14.70 24.18 -6.74
C GLU C 250 -14.78 23.08 -5.69
N LEU C 251 -13.68 22.90 -4.97
CA LEU C 251 -13.63 21.93 -3.87
C LEU C 251 -14.41 22.38 -2.66
N THR C 252 -14.35 23.69 -2.34
CA THR C 252 -15.14 24.23 -1.25
C THR C 252 -16.64 24.08 -1.57
N ASP C 253 -17.02 24.35 -2.80
CA ASP C 253 -18.41 24.14 -3.24
C ASP C 253 -18.84 22.68 -3.14
N THR C 254 -17.87 21.76 -3.27
CA THR C 254 -18.17 20.32 -3.07
C THR C 254 -18.52 20.03 -1.62
N LEU C 255 -17.84 20.67 -0.67
CA LEU C 255 -18.20 20.50 0.75
C LEU C 255 -19.65 20.89 0.99
N ALA C 256 -20.04 22.03 0.41
CA ALA C 256 -21.37 22.56 0.56
C ALA C 256 -22.38 21.64 -0.14
N ARG C 257 -22.00 21.16 -1.33
CA ARG C 257 -22.85 20.21 -2.08
C ARG C 257 -23.24 18.97 -1.25
N ASN C 258 -22.37 18.59 -0.33
CA ASN C 258 -22.61 17.45 0.54
C ASN C 258 -23.17 17.81 1.92
N GLY C 259 -23.76 19.00 2.03
CA GLY C 259 -24.48 19.37 3.23
C GLY C 259 -23.69 20.12 4.29
N SER C 261 -21.99 23.34 6.08
CA SER C 261 -22.08 24.81 6.05
C SER C 261 -20.68 25.40 5.86
N VAL C 262 -20.44 26.02 4.71
CA VAL C 262 -19.21 26.76 4.47
C VAL C 262 -19.41 28.21 4.97
N GLU C 263 -18.63 28.56 5.98
CA GLU C 263 -18.74 29.86 6.66
C GLU C 263 -17.45 30.64 6.54
N PRO C 264 -17.53 31.99 6.49
CA PRO C 264 -16.31 32.79 6.70
C PRO C 264 -15.82 32.59 8.12
N LEU C 265 -14.52 32.77 8.31
CA LEU C 265 -13.92 32.70 9.65
C LEU C 265 -14.48 33.82 10.55
N PRO C 266 -15.05 33.46 11.70
CA PRO C 266 -15.68 34.47 12.53
C PRO C 266 -14.64 35.40 13.14
N PRO C 267 -14.87 36.74 13.03
CA PRO C 267 -14.07 37.86 13.57
C PRO C 267 -13.26 37.57 14.85
N GLN C 268 -13.89 37.02 15.88
CA GLN C 268 -13.21 36.76 17.15
C GLN C 268 -12.09 35.72 17.03
N LEU C 269 -12.44 34.54 16.49
CA LEU C 269 -11.48 33.47 16.22
C LEU C 269 -10.45 33.91 15.17
N ALA C 270 -10.86 34.79 14.26
CA ALA C 270 -9.99 35.35 13.23
C ALA C 270 -8.91 36.23 13.85
N LYS C 271 -9.28 36.98 14.90
CA LYS C 271 -8.33 37.80 15.62
C LYS C 271 -7.41 36.91 16.44
N GLU C 272 -7.98 35.96 17.16
CA GLU C 272 -7.21 35.02 17.98
C GLU C 272 -6.21 34.17 17.20
N LEU C 273 -6.59 33.70 16.01
CA LEU C 273 -5.69 32.92 15.18
C LEU C 273 -4.61 33.79 14.54
N GLN C 274 -4.91 35.07 14.32
CA GLN C 274 -3.90 36.00 13.81
C GLN C 274 -2.86 36.30 14.89
N ALA C 275 -3.30 36.26 16.14
CA ALA C 275 -2.42 36.40 17.30
C ALA C 275 -1.49 35.20 17.39
N ILE C 276 -2.06 34.00 17.33
CA ILE C 276 -1.28 32.74 17.27
C ILE C 276 -0.25 32.82 16.13
N GLY C 277 -0.68 33.36 15.00
CA GLY C 277 0.19 33.56 13.83
C GLY C 277 1.39 34.42 14.10
N ALA C 278 1.21 35.46 14.92
CA ALA C 278 2.31 36.33 15.35
C ALA C 278 3.24 35.60 16.33
N THR C 279 2.68 34.95 17.34
CA THR C 279 3.46 34.12 18.26
C THR C 279 4.36 33.16 17.46
N VAL C 281 5.21 33.01 14.13
CA VAL C 281 6.23 33.66 13.30
C VAL C 281 7.40 34.12 14.20
N SER C 282 7.07 34.58 15.42
CA SER C 282 8.10 34.96 16.40
C SER C 282 8.93 33.74 16.81
N ASP C 283 8.24 32.72 17.31
CA ASP C 283 8.84 31.43 17.63
C ASP C 283 9.70 30.87 16.47
N TRP C 284 9.21 31.02 15.24
CA TRP C 284 9.91 30.51 14.06
C TRP C 284 11.27 31.20 13.85
N SER C 285 11.24 32.54 13.78
CA SER C 285 12.44 33.41 13.66
C SER C 285 13.58 33.07 14.62
N LYS C 286 13.22 32.82 15.88
CA LYS C 286 14.19 32.47 16.91
C LYS C 286 14.96 31.19 16.55
N LYS C 287 14.24 30.06 16.43
CA LYS C 287 14.86 28.74 16.11
C LYS C 287 15.53 28.63 14.73
N ALA C 288 15.28 29.58 13.85
CA ALA C 288 16.05 29.66 12.60
C ALA C 288 17.33 30.53 12.76
N GLY C 289 17.97 30.86 11.64
CA GLY C 289 19.18 31.69 11.64
C GLY C 289 19.19 32.77 10.58
N ALA C 290 20.36 32.98 9.96
CA ALA C 290 20.53 34.02 8.95
C ALA C 290 19.68 33.73 7.72
N ASP C 291 19.81 32.51 7.19
CA ASP C 291 19.04 32.03 6.04
C ASP C 291 17.53 32.18 6.27
N GLY C 292 17.06 31.82 7.46
CA GLY C 292 15.69 32.09 7.89
C GLY C 292 15.34 33.56 7.75
N GLN C 293 16.10 34.41 8.45
CA GLN C 293 15.94 35.86 8.37
C GLN C 293 15.95 36.38 6.94
N GLN C 294 16.93 35.93 6.15
CA GLN C 294 17.01 36.28 4.73
C GLN C 294 15.78 35.82 3.94
N LEU C 295 15.25 34.63 4.26
CA LEU C 295 14.02 34.16 3.65
C LEU C 295 12.89 35.11 4.03
N LEU C 296 12.74 35.34 5.33
CA LEU C 296 11.75 36.26 5.85
C LEU C 296 12.11 37.73 5.55
N ASP C 297 13.09 37.93 4.67
CA ASP C 297 13.49 39.28 4.21
C ASP C 297 13.01 39.60 2.80
N ALA C 298 13.39 38.79 1.81
CA ALA C 298 13.04 39.07 0.41
C ALA C 298 11.66 38.57 -0.01
N TYR C 299 10.69 38.65 0.90
CA TYR C 299 9.35 38.10 0.64
C TYR C 299 8.16 39.02 0.22
N ARG C 300 7.91 40.22 0.76
CA ARG C 300 8.81 41.21 1.41
C ARG C 300 9.91 41.74 0.46
N LYS C 301 9.62 41.65 -0.85
CA LYS C 301 10.49 42.06 -1.96
C LYS C 301 11.97 42.26 -1.59
N ALA D 1 31.56 24.43 25.85
CA ALA D 1 31.72 25.07 24.49
C ALA D 1 32.73 24.29 23.62
N THR D 2 32.50 22.98 23.49
CA THR D 2 33.42 22.07 22.80
C THR D 2 32.80 21.63 21.48
N SER D 3 33.52 21.86 20.39
CA SER D 3 33.18 21.33 19.07
C SER D 3 33.97 20.06 18.84
N TRP D 4 33.28 18.94 18.70
CA TRP D 4 33.91 17.68 18.33
C TRP D 4 33.65 17.36 16.86
N THR D 5 34.69 16.91 16.17
CA THR D 5 34.53 16.46 14.80
C THR D 5 34.39 14.92 14.76
N THR D 7 33.85 11.57 12.13
CA THR D 7 33.80 10.93 10.82
C THR D 7 32.89 9.71 10.89
N ALA D 8 31.98 9.59 9.91
CA ALA D 8 31.17 8.38 9.77
C ALA D 8 31.44 7.78 8.38
N GLU D 9 31.40 6.46 8.31
CA GLU D 9 31.92 5.70 7.19
C GLU D 9 30.96 5.70 6.00
N GLN D 10 29.66 5.61 6.27
CA GLN D 10 28.68 5.39 5.23
C GLN D 10 27.92 6.65 4.80
N PRO D 11 27.31 6.63 3.60
CA PRO D 11 26.55 7.84 3.20
C PRO D 11 25.35 8.11 4.10
N ASP D 12 24.75 9.28 3.96
CA ASP D 12 23.58 9.62 4.74
C ASP D 12 22.37 8.69 4.43
N ALA D 13 22.38 8.04 3.25
CA ALA D 13 21.48 6.91 2.96
C ALA D 13 21.45 5.83 4.08
N ASN D 14 22.62 5.53 4.65
CA ASN D 14 22.78 4.37 5.54
C ASN D 14 22.22 4.51 6.98
N TYR D 15 21.57 3.46 7.50
CA TYR D 15 21.00 3.54 8.86
C TYR D 15 22.02 3.67 10.01
N LEU D 16 23.24 3.18 9.81
CA LEU D 16 24.31 3.33 10.82
C LEU D 16 24.76 4.79 10.95
N THR D 17 24.88 5.48 9.83
CA THR D 17 25.11 6.92 9.82
C THR D 17 23.97 7.71 10.48
N GLN D 18 22.73 7.38 10.15
CA GLN D 18 21.62 8.05 10.83
C GLN D 18 21.61 7.83 12.34
N ASN D 19 21.96 6.62 12.77
CA ASN D 19 22.03 6.30 14.19
C ASN D 19 23.12 7.13 14.90
N ALA D 20 24.22 7.37 14.20
CA ALA D 20 25.33 8.17 14.72
C ALA D 20 24.92 9.64 14.80
N ARG D 21 24.22 10.12 13.76
CA ARG D 21 23.71 11.50 13.76
C ARG D 21 22.68 11.71 14.88
N GLN D 22 21.87 10.69 15.16
CA GLN D 22 20.94 10.77 16.27
C GLN D 22 21.70 10.79 17.61
N PHE D 23 22.72 9.95 17.73
CA PHE D 23 23.65 9.96 18.86
C PHE D 23 24.25 11.36 19.07
N ALA D 24 24.74 11.98 18.00
CA ALA D 24 25.26 13.34 18.10
C ALA D 24 24.20 14.32 18.63
N ASP D 25 22.97 14.24 18.12
CA ASP D 25 21.87 15.10 18.60
C ASP D 25 21.59 14.87 20.07
N GLU D 26 21.58 13.61 20.49
CA GLU D 26 21.15 13.29 21.85
C GLU D 26 22.15 13.75 22.92
N VAL D 27 23.43 13.81 22.53
CA VAL D 27 24.50 14.29 23.39
C VAL D 27 24.32 15.79 23.60
N LYS D 28 24.18 16.52 22.49
CA LYS D 28 23.90 17.95 22.51
C LYS D 28 22.66 18.29 23.36
N ALA D 29 21.59 17.51 23.23
CA ALA D 29 20.42 17.73 24.07
C ALA D 29 20.71 17.43 25.55
N ALA D 30 21.29 16.26 25.83
CA ALA D 30 21.58 15.80 27.18
C ALA D 30 22.60 16.68 27.93
N THR D 31 23.41 17.43 27.21
CA THR D 31 24.41 18.32 27.83
C THR D 31 24.02 19.80 27.71
N ALA D 32 22.79 20.06 27.26
CA ALA D 32 22.33 21.42 27.01
C ALA D 32 23.35 22.21 26.17
N GLY D 33 23.79 21.60 25.07
CA GLY D 33 24.66 22.26 24.11
C GLY D 33 26.12 22.36 24.51
N ALA D 34 26.44 21.83 25.69
CA ALA D 34 27.82 21.85 26.21
C ALA D 34 28.78 21.00 25.39
N LEU D 35 28.26 20.00 24.66
CA LEU D 35 29.09 19.26 23.69
C LEU D 35 28.34 19.11 22.38
N GLU D 36 28.92 19.62 21.30
CA GLU D 36 28.40 19.54 19.93
C GLU D 36 29.24 18.56 19.11
N ILE D 37 28.65 17.47 18.64
CA ILE D 37 29.40 16.58 17.76
C ILE D 37 28.92 16.83 16.32
N LYS D 38 29.85 17.25 15.46
CA LYS D 38 29.53 17.50 14.05
C LYS D 38 29.94 16.33 13.17
N VAL D 39 28.95 15.62 12.62
CA VAL D 39 29.21 14.43 11.79
C VAL D 39 29.50 14.74 10.32
N GLN D 40 30.63 14.27 9.81
CA GLN D 40 30.88 14.26 8.37
C GLN D 40 30.87 12.81 7.89
N SER D 41 29.87 12.48 7.08
CA SER D 41 29.65 11.10 6.67
C SER D 41 30.31 10.77 5.35
N ASN D 42 30.02 9.56 4.85
CA ASN D 42 30.53 9.03 3.56
C ASN D 42 32.04 8.96 3.45
N SER D 43 32.71 8.77 4.59
CA SER D 43 34.14 8.59 4.59
C SER D 43 34.82 9.77 3.88
N THR D 44 34.29 10.98 4.04
CA THR D 44 34.87 12.14 3.35
C THR D 44 36.06 12.68 4.14
N LEU D 45 36.04 12.43 5.44
CA LEU D 45 37.09 12.91 6.32
C LEU D 45 38.20 11.89 6.28
N LEU D 46 37.89 10.66 6.68
CA LEU D 46 38.82 9.56 6.71
C LEU D 46 38.20 8.34 6.06
N LYS D 47 39.00 7.61 5.29
CA LYS D 47 38.56 6.34 4.73
C LYS D 47 38.57 5.25 5.81
N ARG D 48 37.78 4.19 5.60
CA ARG D 48 37.66 3.11 6.59
C ARG D 48 39.04 2.69 7.20
N PRO D 49 40.06 2.37 6.36
CA PRO D 49 41.34 1.92 6.92
C PRO D 49 42.11 2.98 7.74
N GLU D 50 41.71 4.25 7.66
CA GLU D 50 42.38 5.37 8.33
C GLU D 50 41.70 5.82 9.63
N VAL D 51 40.51 5.30 9.91
CA VAL D 51 39.72 5.83 11.03
C VAL D 51 40.36 5.56 12.40
N LYS D 52 40.83 4.33 12.63
CA LYS D 52 41.44 3.98 13.93
C LYS D 52 42.59 4.96 14.28
N ARG D 53 43.49 5.12 13.31
CA ARG D 53 44.69 5.93 13.44
C ARG D 53 44.35 7.39 13.61
N GLY D 54 43.40 7.89 12.80
CA GLY D 54 42.89 9.26 12.93
C GLY D 54 42.26 9.54 14.28
N VAL D 55 41.52 8.58 14.83
CA VAL D 55 40.91 8.76 16.13
C VAL D 55 41.99 8.77 17.24
N GLN D 56 42.89 7.79 17.17
CA GLN D 56 44.02 7.64 18.11
C GLN D 56 44.92 8.89 18.12
N GLN D 57 45.24 9.39 16.93
CA GLN D 57 46.07 10.59 16.77
C GLN D 57 45.34 11.89 17.08
N GLY D 58 44.04 11.82 17.35
CA GLY D 58 43.23 13.04 17.53
C GLY D 58 42.97 13.89 16.29
N VAL D 59 43.24 13.35 15.10
CA VAL D 59 42.87 14.02 13.84
C VAL D 59 41.36 14.34 13.81
N VAL D 60 40.57 13.38 14.28
CA VAL D 60 39.19 13.62 14.65
C VAL D 60 39.07 13.19 16.11
N GLN D 61 38.07 13.69 16.82
CA GLN D 61 37.85 13.28 18.21
C GLN D 61 37.07 11.98 18.37
N ILE D 62 36.28 11.65 17.34
CA ILE D 62 35.36 10.54 17.42
C ILE D 62 35.10 10.05 15.99
N GLY D 63 34.94 8.75 15.82
CA GLY D 63 34.78 8.18 14.47
C GLY D 63 33.95 6.93 14.51
N GLU D 64 33.17 6.70 13.45
CA GLU D 64 32.48 5.44 13.26
C GLU D 64 33.22 4.61 12.21
N VAL D 65 33.42 3.32 12.47
CA VAL D 65 34.13 2.44 11.53
C VAL D 65 33.68 1.00 11.74
N LEU D 66 33.74 0.21 10.68
CA LEU D 66 33.62 -1.25 10.73
C LEU D 66 34.63 -1.86 11.70
N VAL D 67 34.16 -2.59 12.70
CA VAL D 67 35.01 -3.15 13.75
C VAL D 67 36.16 -3.97 13.16
N SER D 68 35.82 -4.82 12.21
CA SER D 68 36.78 -5.71 11.55
C SER D 68 37.77 -5.00 10.62
N ALA D 69 37.61 -3.70 10.41
CA ALA D 69 38.64 -2.90 9.73
C ALA D 69 39.95 -2.96 10.57
N LEU D 70 39.81 -3.29 11.85
CA LEU D 70 40.97 -3.37 12.76
C LEU D 70 41.58 -4.77 12.88
N GLY D 71 40.95 -5.76 12.24
CA GLY D 71 41.34 -7.16 12.39
C GLY D 71 42.72 -7.58 11.88
N ASN D 72 43.25 -6.86 10.88
CA ASN D 72 44.61 -7.16 10.41
C ASN D 72 45.68 -6.89 11.48
N GLU D 73 45.49 -5.84 12.27
CA GLU D 73 46.46 -5.51 13.33
C GLU D 73 46.15 -6.23 14.63
N ASP D 74 44.88 -6.53 14.87
CA ASP D 74 44.48 -7.18 16.10
C ASP D 74 43.31 -8.12 15.78
N PRO D 75 43.58 -9.44 15.73
CA PRO D 75 42.52 -10.40 15.34
C PRO D 75 41.24 -10.46 16.20
N LEU D 76 41.24 -9.94 17.43
CA LEU D 76 39.97 -9.98 18.20
C LEU D 76 38.89 -9.17 17.50
N PHE D 77 39.30 -8.22 16.68
CA PHE D 77 38.38 -7.28 16.03
C PHE D 77 37.67 -7.85 14.79
N GLU D 78 38.00 -9.08 14.38
CA GLU D 78 37.32 -9.68 13.22
C GLU D 78 36.65 -11.02 13.53
N ILE D 79 36.43 -11.30 14.81
CA ILE D 79 35.67 -12.50 15.19
C ILE D 79 34.23 -12.42 14.61
N ASP D 80 33.75 -11.20 14.40
CA ASP D 80 32.38 -10.97 13.86
C ASP D 80 32.25 -11.26 12.36
N SER D 81 33.34 -11.73 11.77
CA SER D 81 33.43 -11.93 10.33
C SER D 81 33.74 -13.36 9.96
N VAL D 82 33.86 -14.24 10.95
CA VAL D 82 34.04 -15.66 10.70
C VAL D 82 32.72 -16.29 10.18
N PRO D 83 32.76 -16.86 8.96
CA PRO D 83 31.52 -17.39 8.38
C PRO D 83 30.83 -18.47 9.22
N PHE D 84 29.53 -18.29 9.44
CA PHE D 84 28.66 -19.24 10.18
C PHE D 84 29.00 -19.48 11.65
N LEU D 85 29.85 -18.63 12.23
CA LEU D 85 30.05 -18.68 13.67
C LEU D 85 28.85 -18.11 14.44
N ALA D 86 28.30 -17.01 13.93
CA ALA D 86 27.19 -16.32 14.55
C ALA D 86 26.32 -15.68 13.47
N SER D 87 25.58 -16.49 12.73
CA SER D 87 24.89 -16.00 11.51
C SER D 87 23.46 -15.45 11.73
N SER D 88 22.89 -15.70 12.91
CA SER D 88 21.61 -15.12 13.28
C SER D 88 21.85 -13.92 14.19
N PHE D 89 20.93 -12.96 14.24
CA PHE D 89 21.09 -11.83 15.13
C PHE D 89 21.25 -12.23 16.61
N ASN D 90 20.49 -13.22 17.09
CA ASN D 90 20.61 -13.64 18.50
C ASN D 90 22.03 -14.16 18.82
N GLU D 91 22.60 -14.95 17.92
CA GLU D 91 23.97 -15.46 18.08
C GLU D 91 24.96 -14.34 18.05
N SER D 92 24.73 -13.40 17.12
CA SER D 92 25.59 -12.26 16.94
C SER D 92 25.58 -11.35 18.19
N GLU D 93 24.40 -11.16 18.78
CA GLU D 93 24.26 -10.41 20.02
C GLU D 93 25.05 -11.09 21.15
N LYS D 94 24.97 -12.42 21.20
CA LYS D 94 25.71 -13.19 22.19
C LYS D 94 27.22 -12.99 21.99
N LEU D 95 27.67 -13.16 20.74
CA LEU D 95 29.06 -12.93 20.35
C LEU D 95 29.55 -11.56 20.75
N TRP D 96 28.73 -10.54 20.52
CA TRP D 96 29.09 -9.17 20.78
C TRP D 96 29.28 -8.92 22.26
N LYS D 97 28.42 -9.54 23.07
CA LYS D 97 28.51 -9.46 24.52
C LYS D 97 29.83 -10.08 25.03
N ALA D 98 30.27 -11.15 24.38
CA ALA D 98 31.59 -11.74 24.63
C ALA D 98 32.74 -10.87 24.13
N THR D 99 32.51 -10.14 23.03
CA THR D 99 33.57 -9.44 22.32
C THR D 99 33.83 -8.05 22.87
N ARG D 100 32.73 -7.32 23.06
CA ARG D 100 32.77 -5.91 23.42
C ARG D 100 33.72 -5.56 24.60
N PRO D 101 33.67 -6.27 25.74
CA PRO D 101 34.58 -5.80 26.83
C PRO D 101 36.06 -5.99 26.48
N LEU D 102 36.38 -7.07 25.78
CA LEU D 102 37.71 -7.28 25.25
C LEU D 102 38.18 -6.19 24.29
N LEU D 103 37.29 -5.73 23.38
CA LEU D 103 37.65 -4.67 22.44
C LEU D 103 37.86 -3.35 23.15
N ALA D 104 37.03 -3.07 24.14
CA ALA D 104 37.11 -1.85 24.91
C ALA D 104 38.43 -1.82 25.69
N GLN D 105 38.87 -2.98 26.19
CA GLN D 105 40.16 -3.08 26.86
C GLN D 105 41.29 -2.80 25.89
N ARG D 106 41.29 -3.50 24.75
CA ARG D 106 42.31 -3.30 23.71
C ARG D 106 42.35 -1.88 23.20
N LEU D 107 41.20 -1.24 23.03
CA LEU D 107 41.18 0.14 22.52
C LEU D 107 41.70 1.13 23.56
N ASP D 108 41.37 0.89 24.82
CA ASP D 108 41.88 1.70 25.91
C ASP D 108 43.42 1.74 25.87
N LYS D 109 44.05 0.58 25.62
CA LYS D 109 45.52 0.52 25.48
C LYS D 109 46.05 1.23 24.23
N GLN D 110 45.17 1.48 23.26
CA GLN D 110 45.53 2.19 22.05
C GLN D 110 45.27 3.69 22.23
N GLY D 111 44.78 4.06 23.40
CA GLY D 111 44.35 5.45 23.64
C GLY D 111 42.99 5.81 23.05
N ILE D 112 42.09 4.84 22.98
CA ILE D 112 40.75 5.03 22.35
C ILE D 112 39.64 4.59 23.29
N VAL D 113 38.54 5.34 23.32
CA VAL D 113 37.37 4.96 24.12
C VAL D 113 36.29 4.34 23.23
N LEU D 114 35.84 3.14 23.58
CA LEU D 114 34.76 2.46 22.87
C LEU D 114 33.45 3.06 23.34
N VAL D 115 32.79 3.83 22.49
CA VAL D 115 31.54 4.48 22.89
C VAL D 115 30.35 3.53 22.73
N TYR D 116 30.13 3.03 21.51
CA TYR D 116 29.05 2.06 21.28
C TYR D 116 29.24 1.28 19.98
N GLY D 117 28.55 0.14 19.89
CA GLY D 117 28.49 -0.64 18.65
C GLY D 117 27.07 -0.77 18.09
N SER D 118 26.98 -1.16 16.81
CA SER D 118 25.70 -1.51 16.15
C SER D 118 26.02 -2.44 14.98
N PRO D 119 25.15 -3.40 14.72
CA PRO D 119 25.47 -4.33 13.66
C PRO D 119 24.99 -3.84 12.30
N TRP D 120 25.73 -4.25 11.27
CA TRP D 120 25.20 -4.30 9.91
C TRP D 120 24.20 -5.46 9.87
N PRO D 121 23.36 -5.52 8.83
CA PRO D 121 22.59 -6.74 8.61
C PRO D 121 23.49 -7.90 8.13
N PRO D 122 22.97 -9.14 8.13
CA PRO D 122 23.75 -10.30 7.72
C PRO D 122 24.23 -10.18 6.28
N GLN D 123 25.36 -10.80 5.99
CA GLN D 123 25.99 -10.63 4.67
C GLN D 123 25.54 -11.66 3.63
N GLY D 124 25.08 -11.18 2.47
CA GLY D 124 24.69 -12.07 1.38
C GLY D 124 25.68 -11.90 0.24
N ILE D 125 25.42 -12.58 -0.87
CA ILE D 125 26.32 -12.66 -2.03
C ILE D 125 25.56 -12.15 -3.25
N TYR D 126 26.20 -11.23 -3.98
CA TYR D 126 25.60 -10.55 -5.11
C TYR D 126 26.38 -10.99 -6.34
N THR D 127 25.66 -11.42 -7.39
CA THR D 127 26.31 -11.93 -8.59
C THR D 127 25.56 -11.53 -9.86
N LYS D 128 26.24 -11.62 -11.01
CA LYS D 128 25.63 -11.34 -12.32
C LYS D 128 25.03 -12.58 -12.94
N LYS D 129 25.56 -13.74 -12.55
CA LYS D 129 25.12 -15.02 -13.04
C LYS D 129 24.78 -15.95 -11.86
N PRO D 130 23.89 -16.94 -12.09
CA PRO D 130 23.47 -17.83 -10.98
C PRO D 130 24.61 -18.62 -10.36
N VAL D 131 24.48 -18.87 -9.05
CA VAL D 131 25.44 -19.61 -8.27
C VAL D 131 24.79 -20.72 -7.51
N ALA D 132 25.28 -21.94 -7.71
CA ALA D 132 24.84 -23.07 -6.89
C ALA D 132 25.96 -23.59 -5.97
N ALA D 133 27.22 -23.25 -6.29
CA ALA D 133 28.39 -23.79 -5.60
C ALA D 133 29.57 -22.89 -5.86
N LEU D 134 30.63 -23.04 -5.06
CA LEU D 134 31.89 -22.33 -5.27
C LEU D 134 32.41 -22.44 -6.69
N ALA D 135 32.27 -23.61 -7.32
CA ALA D 135 32.61 -23.77 -8.75
C ALA D 135 32.11 -22.63 -9.66
N ASP D 136 30.92 -22.10 -9.39
CA ASP D 136 30.40 -20.96 -10.17
C ASP D 136 31.10 -19.64 -9.89
N LEU D 137 31.98 -19.62 -8.88
CA LEU D 137 32.66 -18.40 -8.44
C LEU D 137 34.19 -18.48 -8.58
N LYS D 138 34.69 -19.62 -9.07
CA LYS D 138 36.12 -19.83 -9.35
C LYS D 138 36.66 -18.78 -10.32
N GLY D 139 37.63 -18.01 -9.87
CA GLY D 139 38.26 -16.97 -10.68
C GLY D 139 37.54 -15.63 -10.74
N THR D 140 36.38 -15.55 -10.10
CA THR D 140 35.56 -14.33 -10.13
C THR D 140 36.26 -13.22 -9.37
N ARG D 141 36.27 -12.03 -9.95
CA ARG D 141 36.80 -10.85 -9.28
C ARG D 141 35.79 -10.44 -8.19
N PHE D 142 36.08 -10.86 -6.96
CA PHE D 142 35.12 -10.80 -5.88
C PHE D 142 35.53 -9.74 -4.88
N ARG D 143 34.66 -8.75 -4.68
CA ARG D 143 34.95 -7.67 -3.73
C ARG D 143 35.27 -8.18 -2.31
N ALA D 144 36.34 -7.65 -1.73
CA ALA D 144 36.63 -7.79 -0.30
C ALA D 144 36.62 -6.39 0.31
N TYR D 145 36.33 -6.29 1.60
CA TYR D 145 36.29 -4.95 2.19
C TYR D 145 37.02 -4.85 3.55
N SER D 146 37.71 -5.93 3.90
CA SER D 146 38.42 -6.10 5.16
C SER D 146 39.45 -7.21 4.94
N ALA D 147 40.43 -7.37 5.85
CA ALA D 147 41.37 -8.51 5.72
C ALA D 147 40.63 -9.86 5.79
N SER D 148 39.62 -9.94 6.66
CA SER D 148 38.83 -11.17 6.83
C SER D 148 38.13 -11.58 5.53
N THR D 149 37.46 -10.63 4.89
CA THR D 149 36.76 -10.92 3.63
C THR D 149 37.71 -11.24 2.46
N SER D 150 38.93 -10.67 2.47
CA SER D 150 40.00 -11.10 1.54
C SER D 150 40.39 -12.55 1.73
N HIS D 151 40.60 -12.96 2.97
CA HIS D 151 40.90 -14.35 3.28
C HIS D 151 39.72 -15.28 2.85
N ALA D 153 37.41 -14.72 0.56
CA ALA D 153 37.24 -14.73 -0.89
C ALA D 153 38.26 -15.65 -1.56
N ALA D 154 39.47 -15.68 -0.98
CA ALA D 154 40.58 -16.49 -1.44
C ALA D 154 40.27 -17.96 -1.23
N LEU D 155 39.84 -18.30 -0.02
CA LEU D 155 39.41 -19.67 0.30
C LEU D 155 38.21 -20.17 -0.50
N GLY D 157 37.93 -19.50 -3.63
CA GLY D 157 38.50 -19.77 -4.96
C GLY D 157 38.32 -18.63 -5.93
N ALA D 158 37.89 -17.48 -5.42
CA ALA D 158 37.73 -16.28 -6.22
C ALA D 158 39.00 -15.46 -6.04
N VAL D 159 39.03 -14.30 -6.71
CA VAL D 159 40.15 -13.36 -6.61
C VAL D 159 39.71 -12.17 -5.79
N PRO D 160 40.15 -12.10 -4.52
CA PRO D 160 39.78 -10.99 -3.64
C PRO D 160 40.25 -9.68 -4.22
N THR D 161 39.36 -8.69 -4.22
CA THR D 161 39.70 -7.37 -4.75
C THR D 161 39.13 -6.36 -3.78
N THR D 162 40.02 -5.62 -3.12
CA THR D 162 39.62 -4.65 -2.13
C THR D 162 38.98 -3.40 -2.76
N VAL D 163 37.76 -3.12 -2.30
CA VAL D 163 37.03 -1.93 -2.72
C VAL D 163 36.28 -1.42 -1.49
N GLN D 164 36.55 -0.16 -1.15
CA GLN D 164 35.82 0.47 -0.06
C GLN D 164 34.39 0.74 -0.52
N THR D 165 33.48 0.94 0.44
CA THR D 165 32.05 1.04 0.13
C THR D 165 31.72 2.15 -0.91
N PRO D 166 32.24 3.38 -0.71
CA PRO D 166 31.89 4.40 -1.72
C PRO D 166 32.39 4.13 -3.14
N GLU D 167 33.36 3.24 -3.32
CA GLU D 167 33.86 2.95 -4.68
C GLU D 167 33.19 1.75 -5.36
N VAL D 168 32.18 1.17 -4.70
CA VAL D 168 31.54 -0.03 -5.24
C VAL D 168 30.92 0.19 -6.63
N PRO D 169 30.01 1.18 -6.79
CA PRO D 169 29.40 1.44 -8.10
C PRO D 169 30.46 1.67 -9.20
N GLN D 170 31.41 2.58 -8.94
CA GLN D 170 32.52 2.77 -9.86
C GLN D 170 33.24 1.45 -10.20
N ALA D 171 33.57 0.66 -9.18
CA ALA D 171 34.29 -0.59 -9.40
C ALA D 171 33.47 -1.61 -10.23
N PHE D 172 32.15 -1.61 -10.03
CA PHE D 172 31.28 -2.44 -10.88
C PHE D 172 31.27 -1.93 -12.33
N SER D 173 31.09 -0.61 -12.51
CA SER D 173 31.12 0.01 -13.87
C SER D 173 32.31 -0.45 -14.72
N THR D 174 33.51 -0.45 -14.14
CA THR D 174 34.74 -0.59 -14.90
C THR D 174 35.32 -2.00 -14.86
N GLY D 175 34.56 -2.94 -14.29
CA GLY D 175 34.95 -4.36 -14.33
C GLY D 175 36.01 -4.78 -13.33
N VAL D 176 36.32 -3.90 -12.37
CA VAL D 176 37.22 -4.25 -11.27
C VAL D 176 36.62 -5.36 -10.38
N ILE D 177 35.32 -5.28 -10.11
CA ILE D 177 34.62 -6.38 -9.44
C ILE D 177 33.46 -6.93 -10.28
N ASP D 178 33.22 -8.24 -10.21
CA ASP D 178 32.03 -8.84 -10.84
C ASP D 178 31.04 -9.45 -9.86
N ALA D 179 31.44 -9.54 -8.58
CA ALA D 179 30.61 -10.08 -7.53
C ALA D 179 31.01 -9.50 -6.18
N LEU D 181 30.22 -9.67 -1.56
CA LEU D 181 29.56 -10.10 -0.37
C LEU D 181 29.37 -8.87 0.49
N THR D 182 28.10 -8.52 0.77
CA THR D 182 27.75 -7.41 1.66
C THR D 182 26.29 -7.57 2.11
N SER D 183 25.86 -6.67 3.00
CA SER D 183 24.52 -6.68 3.51
C SER D 183 23.52 -6.18 2.47
N PRO D 184 22.21 -6.49 2.67
CA PRO D 184 21.20 -5.78 1.84
C PRO D 184 21.20 -4.26 2.05
N ALA D 185 21.64 -3.79 3.24
CA ALA D 185 21.79 -2.35 3.50
C ALA D 185 22.69 -1.66 2.47
N THR D 186 23.89 -2.22 2.23
CA THR D 186 24.80 -1.69 1.22
C THR D 186 24.27 -1.87 -0.22
N GLY D 187 23.60 -2.99 -0.50
CA GLY D 187 22.89 -3.18 -1.80
C GLY D 187 21.98 -2.00 -2.10
N VAL D 188 21.19 -1.60 -1.11
CA VAL D 188 20.35 -0.43 -1.24
C VAL D 188 21.14 0.91 -1.28
N ASP D 189 22.10 1.15 -0.36
CA ASP D 189 22.87 2.40 -0.37
C ASP D 189 23.47 2.57 -1.76
N SER D 190 23.98 1.50 -2.33
CA SER D 190 24.73 1.59 -3.59
C SER D 190 23.86 1.31 -4.82
N GLN D 191 22.57 1.05 -4.57
CA GLN D 191 21.59 0.74 -5.61
C GLN D 191 22.19 -0.31 -6.55
N ALA D 192 22.58 -1.42 -5.97
CA ALA D 192 23.38 -2.44 -6.63
C ALA D 192 22.69 -3.12 -7.79
N TRP D 193 21.35 -3.05 -7.79
CA TRP D 193 20.55 -3.63 -8.85
C TRP D 193 20.91 -3.13 -10.26
N ASP D 194 21.62 -2.00 -10.35
CA ASP D 194 22.16 -1.54 -11.63
C ASP D 194 23.34 -2.40 -12.16
N TYR D 195 24.01 -3.14 -11.28
CA TYR D 195 25.25 -3.86 -11.64
C TYR D 195 25.19 -5.37 -11.56
N VAL D 196 24.29 -5.88 -10.73
CA VAL D 196 24.20 -7.30 -10.46
C VAL D 196 22.73 -7.74 -10.47
N LYS D 197 22.50 -9.03 -10.68
CA LYS D 197 21.15 -9.56 -10.85
C LYS D 197 20.74 -10.45 -9.68
N TYR D 198 21.69 -11.19 -9.11
CA TYR D 198 21.34 -12.20 -8.11
C TYR D 198 21.82 -11.83 -6.70
N TYR D 199 20.92 -11.94 -5.73
CA TYR D 199 21.28 -11.79 -4.31
C TYR D 199 20.96 -13.10 -3.59
N TYR D 200 21.98 -13.70 -3.02
CA TYR D 200 21.81 -14.88 -2.21
C TYR D 200 21.84 -14.45 -0.74
N ASP D 201 20.79 -14.81 -0.02
CA ASP D 201 20.63 -14.49 1.41
C ASP D 201 21.49 -15.45 2.24
N ALA D 202 22.81 -15.30 2.12
CA ALA D 202 23.78 -16.20 2.78
C ALA D 202 23.81 -16.11 4.31
N GLN D 203 23.52 -14.93 4.86
CA GLN D 203 23.82 -14.67 6.28
C GLN D 203 25.22 -15.19 6.67
N ALA D 204 26.24 -14.86 5.88
CA ALA D 204 27.55 -15.51 6.09
C ALA D 204 28.09 -15.17 7.48
N PHE D 205 27.95 -13.90 7.85
CA PHE D 205 28.24 -13.43 9.19
C PHE D 205 27.56 -12.12 9.36
N ILE D 206 27.66 -11.54 10.55
CA ILE D 206 27.12 -10.22 10.73
C ILE D 206 28.12 -9.25 11.40
N PRO D 207 28.76 -8.42 10.57
CA PRO D 207 29.83 -7.56 11.08
C PRO D 207 29.32 -6.35 11.87
N GLN D 208 30.03 -5.97 12.93
CA GLN D 208 29.64 -4.83 13.72
C GLN D 208 30.29 -3.56 13.20
N SER D 209 29.66 -2.45 13.49
CA SER D 209 30.30 -1.16 13.34
C SER D 209 30.38 -0.56 14.74
N PHE D 210 31.39 0.29 14.99
CA PHE D 210 31.43 0.99 16.26
C PHE D 210 31.88 2.44 16.19
N VAL D 211 31.53 3.17 17.24
CA VAL D 211 31.91 4.54 17.40
C VAL D 211 32.93 4.60 18.55
N ILE D 212 34.09 5.15 18.22
CA ILE D 212 35.27 5.19 19.11
C ILE D 212 35.80 6.63 19.20
N ALA D 213 36.20 7.04 20.41
CA ALA D 213 36.63 8.41 20.68
C ALA D 213 38.09 8.47 21.15
N ASN D 214 38.78 9.55 20.80
CA ASN D 214 40.12 9.85 21.31
C ASN D 214 40.04 9.96 22.83
N LYS D 215 40.83 9.15 23.53
CA LYS D 215 40.77 9.09 24.99
C LYS D 215 41.13 10.41 25.63
N ARG D 216 42.21 11.03 25.14
CA ARG D 216 42.64 12.35 25.63
C ARG D 216 41.49 13.37 25.49
N ALA D 217 40.83 13.38 24.32
CA ALA D 217 39.70 14.27 24.07
C ALA D 217 38.54 13.98 25.03
N PHE D 218 38.20 12.69 25.13
CA PHE D 218 37.19 12.22 26.08
C PHE D 218 37.50 12.67 27.52
N GLN D 219 38.72 12.38 27.97
CA GLN D 219 39.11 12.68 29.36
C GLN D 219 39.18 14.20 29.64
N ARG D 220 39.43 14.98 28.60
CA ARG D 220 39.47 16.44 28.72
C ARG D 220 38.09 17.03 29.04
N LEU D 221 37.07 16.18 28.95
CA LEU D 221 35.67 16.55 29.17
C LEU D 221 35.25 16.42 30.63
N PRO D 222 34.36 17.32 31.11
CA PRO D 222 33.74 17.14 32.44
C PRO D 222 33.23 15.71 32.66
N ALA D 223 33.20 15.27 33.91
CA ALA D 223 32.60 13.96 34.26
C ALA D 223 31.11 13.85 33.88
N GLU D 224 30.37 14.95 34.00
CA GLU D 224 28.94 14.98 33.64
C GLU D 224 28.69 14.82 32.14
N VAL D 225 29.65 15.29 31.35
CA VAL D 225 29.58 15.21 29.89
C VAL D 225 30.07 13.84 29.42
N ARG D 226 31.20 13.37 29.93
CA ARG D 226 31.71 12.04 29.60
C ARG D 226 30.62 10.98 29.81
N GLN D 227 29.89 11.11 30.91
CA GLN D 227 28.84 10.17 31.21
C GLN D 227 27.64 10.37 30.28
N ALA D 228 27.37 11.62 29.89
CA ALA D 228 26.28 11.89 28.96
C ALA D 228 26.55 11.21 27.60
N VAL D 229 27.81 11.20 27.19
CA VAL D 229 28.26 10.50 25.97
C VAL D 229 28.03 8.98 26.09
N LEU D 230 28.46 8.41 27.21
CA LEU D 230 28.32 6.98 27.41
C LEU D 230 26.86 6.60 27.48
N ASP D 231 26.03 7.49 28.03
CA ASP D 231 24.61 7.26 28.17
C ASP D 231 23.93 7.27 26.80
N ALA D 232 24.24 8.28 25.98
CA ALA D 232 23.73 8.40 24.63
C ALA D 232 24.20 7.20 23.80
N GLY D 233 25.41 6.72 24.09
CA GLY D 233 25.99 5.56 23.41
C GLY D 233 25.29 4.26 23.73
N ALA D 234 24.96 4.04 25.00
CA ALA D 234 24.15 2.90 25.40
C ALA D 234 22.81 2.89 24.65
N LYS D 235 22.21 4.07 24.51
CA LYS D 235 20.93 4.26 23.83
C LYS D 235 21.05 3.92 22.34
N ALA D 236 22.16 4.39 21.75
CA ALA D 236 22.43 4.21 20.32
C ALA D 236 22.73 2.74 19.98
N GLU D 237 23.32 2.04 20.93
CA GLU D 237 23.64 0.63 20.75
C GLU D 237 22.34 -0.16 20.75
N ILE D 238 21.45 0.13 21.69
CA ILE D 238 20.13 -0.53 21.77
C ILE D 238 19.34 -0.28 20.48
N ARG D 239 19.39 0.98 20.02
CA ARG D 239 18.65 1.47 18.85
C ARG D 239 19.14 0.81 17.56
N GLY D 240 20.46 0.69 17.43
CA GLY D 240 21.11 0.09 16.26
C GLY D 240 20.87 -1.40 16.08
N TRP D 241 20.91 -2.14 17.19
CA TRP D 241 20.48 -3.53 17.22
C TRP D 241 18.99 -3.65 16.83
N GLN D 242 18.16 -2.77 17.38
CA GLN D 242 16.73 -2.73 17.07
C GLN D 242 16.46 -2.52 15.57
N THR D 243 17.07 -1.47 15.02
CA THR D 243 16.97 -1.08 13.61
C THR D 243 17.47 -2.15 12.65
N ALA D 244 18.62 -2.76 12.97
CA ALA D 244 19.19 -3.79 12.10
C ALA D 244 18.20 -4.95 11.95
N ARG D 245 17.66 -5.42 13.08
CA ARG D 245 16.64 -6.47 13.06
C ARG D 245 15.38 -6.03 12.30
N ALA D 246 14.96 -4.80 12.53
CA ALA D 246 13.71 -4.29 11.98
C ALA D 246 13.81 -3.99 10.47
N LYS D 247 15.01 -3.69 9.97
CA LYS D 247 15.14 -3.28 8.59
C LYS D 247 15.68 -4.35 7.63
N THR D 248 16.29 -5.40 8.16
CA THR D 248 16.90 -6.44 7.35
C THR D 248 15.97 -6.99 6.24
N ARG D 249 14.76 -7.44 6.61
CA ARG D 249 13.84 -7.94 5.58
C ARG D 249 13.40 -6.88 4.61
N GLU D 250 13.08 -5.68 5.11
CA GLU D 250 12.62 -4.57 4.25
C GLU D 250 13.66 -4.21 3.21
N LEU D 251 14.92 -4.22 3.61
CA LEU D 251 16.01 -3.92 2.68
C LEU D 251 16.15 -5.00 1.64
N THR D 252 16.00 -6.26 2.03
CA THR D 252 16.03 -7.37 1.09
C THR D 252 14.87 -7.28 0.06
N ASP D 253 13.67 -6.95 0.54
CA ASP D 253 12.52 -6.71 -0.34
C ASP D 253 12.82 -5.60 -1.38
N THR D 254 13.53 -4.55 -0.93
CA THR D 254 13.88 -3.44 -1.80
C THR D 254 14.71 -3.91 -3.00
N LEU D 255 15.66 -4.80 -2.74
CA LEU D 255 16.50 -5.38 -3.81
C LEU D 255 15.62 -6.06 -4.88
N ALA D 256 14.68 -6.90 -4.40
CA ALA D 256 13.78 -7.64 -5.27
C ALA D 256 12.86 -6.68 -6.02
N ARG D 257 12.31 -5.70 -5.33
CA ARG D 257 11.38 -4.77 -5.98
C ARG D 257 12.09 -4.05 -7.13
N ASN D 258 13.37 -3.76 -6.95
CA ASN D 258 14.15 -3.10 -8.01
C ASN D 258 14.73 -4.02 -9.07
N GLY D 259 14.35 -5.30 -9.06
CA GLY D 259 14.66 -6.18 -10.16
C GLY D 259 15.65 -7.29 -9.88
N SER D 261 16.93 -10.81 -8.54
CA SER D 261 16.48 -12.10 -8.09
C SER D 261 17.01 -12.40 -6.69
N VAL D 262 16.10 -12.51 -5.72
CA VAL D 262 16.48 -12.74 -4.32
C VAL D 262 16.25 -14.22 -4.01
N GLU D 263 17.32 -14.90 -3.64
CA GLU D 263 17.32 -16.34 -3.45
C GLU D 263 17.81 -16.71 -2.07
N PRO D 264 17.33 -17.86 -1.54
CA PRO D 264 17.91 -18.39 -0.32
C PRO D 264 19.29 -18.95 -0.64
N LEU D 265 20.00 -19.33 0.40
CA LEU D 265 21.34 -19.89 0.19
C LEU D 265 21.20 -21.34 -0.31
N PRO D 266 21.79 -21.63 -1.49
CA PRO D 266 21.77 -22.99 -2.02
C PRO D 266 22.57 -24.00 -1.16
N PRO D 267 22.15 -25.28 -1.19
CA PRO D 267 22.67 -26.32 -0.28
C PRO D 267 24.17 -26.65 -0.41
N GLN D 268 24.69 -26.73 -1.63
CA GLN D 268 26.11 -27.05 -1.82
C GLN D 268 26.98 -25.85 -1.43
N LEU D 269 26.63 -24.67 -1.91
CA LEU D 269 27.24 -23.43 -1.44
C LEU D 269 27.21 -23.31 0.10
N ALA D 270 26.07 -23.58 0.74
CA ALA D 270 26.00 -23.53 2.20
C ALA D 270 27.03 -24.46 2.86
N LYS D 271 27.06 -25.72 2.42
CA LYS D 271 28.04 -26.70 2.89
C LYS D 271 29.47 -26.18 2.74
N GLU D 272 29.77 -25.59 1.59
CA GLU D 272 31.13 -25.16 1.30
C GLU D 272 31.53 -23.94 2.12
N LEU D 273 30.57 -23.05 2.37
CA LEU D 273 30.85 -21.84 3.14
C LEU D 273 30.93 -22.20 4.63
N GLN D 274 30.19 -23.23 5.05
CA GLN D 274 30.31 -23.72 6.41
C GLN D 274 31.71 -24.32 6.64
N ALA D 275 32.20 -25.04 5.65
CA ALA D 275 33.56 -25.59 5.67
C ALA D 275 34.62 -24.47 5.75
N ILE D 276 34.45 -23.42 4.95
CA ILE D 276 35.32 -22.25 5.03
C ILE D 276 35.29 -21.59 6.43
N GLY D 277 34.10 -21.49 7.02
CA GLY D 277 33.99 -21.02 8.39
C GLY D 277 34.79 -21.89 9.35
N ALA D 278 34.74 -23.21 9.18
CA ALA D 278 35.50 -24.12 10.03
C ALA D 278 37.00 -23.81 9.97
N THR D 279 37.51 -23.67 8.74
CA THR D 279 38.91 -23.35 8.48
C THR D 279 39.31 -22.00 9.07
N VAL D 281 37.74 -20.25 11.51
CA VAL D 281 37.73 -20.18 12.97
C VAL D 281 38.98 -20.84 13.56
N SER D 282 39.46 -21.91 12.92
CA SER D 282 40.69 -22.60 13.27
C SER D 282 41.90 -21.69 13.09
N ASP D 283 42.03 -21.06 11.93
CA ASP D 283 43.10 -20.06 11.67
C ASP D 283 43.04 -18.90 12.66
N TRP D 284 41.82 -18.44 12.92
CA TRP D 284 41.63 -17.31 13.81
C TRP D 284 42.09 -17.65 15.21
N SER D 285 41.79 -18.87 15.64
CA SER D 285 42.06 -19.31 17.00
C SER D 285 43.57 -19.35 17.25
N LYS D 286 44.33 -19.73 16.23
CA LYS D 286 45.78 -19.76 16.29
C LYS D 286 46.32 -18.36 16.54
N LYS D 287 45.93 -17.41 15.68
CA LYS D 287 46.46 -16.05 15.78
C LYS D 287 45.89 -15.20 16.90
N ALA D 288 44.70 -15.53 17.42
CA ALA D 288 44.11 -14.75 18.48
C ALA D 288 44.51 -15.31 19.83
N GLY D 289 44.09 -14.66 20.90
CA GLY D 289 44.16 -15.28 22.24
C GLY D 289 44.78 -16.68 22.40
N ALA D 290 45.34 -17.02 23.56
CA ALA D 290 44.72 -16.85 24.88
C ALA D 290 43.47 -15.97 25.03
N ASP D 291 43.58 -14.68 24.69
CA ASP D 291 42.43 -13.81 24.80
C ASP D 291 41.31 -14.19 23.82
N GLY D 292 41.67 -14.67 22.63
CA GLY D 292 40.75 -15.22 21.64
C GLY D 292 40.01 -16.47 22.11
N GLN D 293 40.73 -17.37 22.78
CA GLN D 293 40.08 -18.53 23.40
C GLN D 293 39.10 -18.12 24.53
N GLN D 294 39.51 -17.14 25.33
CA GLN D 294 38.65 -16.55 26.35
C GLN D 294 37.36 -16.02 25.72
N LEU D 295 37.51 -15.30 24.61
CA LEU D 295 36.37 -14.75 23.88
C LEU D 295 35.45 -15.89 23.41
N LEU D 296 36.01 -16.85 22.68
CA LEU D 296 35.22 -18.00 22.20
C LEU D 296 34.54 -18.73 23.35
N ASP D 297 35.24 -18.94 24.47
CA ASP D 297 34.64 -19.53 25.68
C ASP D 297 33.44 -18.76 26.20
N ALA D 298 33.53 -17.44 26.28
CA ALA D 298 32.43 -16.63 26.79
C ALA D 298 31.25 -16.71 25.81
N TYR D 299 31.55 -16.79 24.51
CA TYR D 299 30.49 -16.86 23.50
C TYR D 299 29.76 -18.19 23.57
N ARG D 300 30.52 -19.28 23.61
CA ARG D 300 29.99 -20.63 23.53
C ARG D 300 29.44 -21.14 24.85
N LYS D 301 29.60 -20.34 25.91
CA LYS D 301 29.34 -20.77 27.27
C LYS D 301 28.69 -19.62 28.06
#